data_8R5X
#
_entry.id   8R5X
#
loop_
_entity.id
_entity.type
_entity.pdbx_description
1 polymer 'Coxsackievirus B5 (mutant CVB5F.cas.genogroupB) - VP1'
2 non-polymer 'PALMITIC ACID'
#
_entity_poly.entity_id   1
_entity_poly.type   'polypeptide(L)'
_entity_poly.pdbx_seq_one_letter_code
;MGAQVSTQKTGAHETGLNASGNSIIHYTNMNYYKDSASNSANRQEFAQDPGKFTEPVKDIMIKSMPALNSPSAEECGYSD
RVRSITLGNSTITTQECANVVVGYGTWPTYLRDEEATAEDQPTQPDVATCRFYTLESVMWQQSSPGWWWKFPDALSNMGL
FGQNMQYHYLGRAGYTLHVQCNASKFHQGCLLVVCVPEAEMGCATIANKPDQKSLSNGETANVFDSQNTSGQTAVQANVI
NAGMGIGVGNLTIFPHQWINLRTNNSATIVMPYVNSVPMDNMFRHNNFTLMIIPFAPLSYSTGATTYVPITVTVAPMCAE
YNGLRLAGRQGLPTMLTPGSNQFLTSDDFQSPSAMPQFDVTPEMAIPGQVNNLMEIAEVDSVVPVNNTEGKVMSIEAYQI
PVQSNSTNGSQVFGFPLIPGASSVLNRTLLGEILNYYTHWSGSIKLTFMFCGSAMATGKFLLAYSPPGAGAPTTRKEAML
GTHVIWDVGLQSSCVLCIPWISQTHYRYVVMDEYTAGGYITCWYQTNIVVPADTQSDCKILCFVSACNDFSVRMLKDTPF
IKQDSFFQGPPGEAIERAIARVADTISSGPVNSESIPALTAAETGHTSQVVPADTMQTRHVKNYHSRSESTVENFLCRSA
CVYYTTYKNHGTDGDNFAQWVINTRQVAQLRRKLEMFTYARFDLELTFVITSSQEQSTIKGQDSPVLTHQIMYVPPGGPV
PTKINSYSWQTSTNPSVFWTEGSAPPRISIPFISIGNAYSMFYDGWARFDKQGTYGINTLNNMGTLYMRHVNDGSPGPIV
STVRIYFKPKHVKTWVPRPPRLCQYQKAGNVNFEPSGVTEGRTEITAMQTT
;
_entity_poly.pdbx_strand_id   A,B,C,D
#
# COMPACT_ATOMS: atom_id res chain seq x y z
N ILE A 579 17.59 4.59 19.44
CA ILE A 579 17.11 5.66 18.59
C ILE A 579 16.29 4.94 17.47
N ALA A 580 16.74 5.04 16.20
CA ALA A 580 16.16 4.41 15.01
C ALA A 580 17.32 4.00 14.17
N ARG A 581 18.20 3.23 14.78
CA ARG A 581 19.42 2.80 14.16
C ARG A 581 19.17 1.50 13.45
N VAL A 582 19.81 1.33 12.33
CA VAL A 582 19.69 0.12 11.56
C VAL A 582 20.41 -0.97 12.31
N ALA A 583 19.91 -2.19 12.21
CA ALA A 583 20.54 -3.30 12.87
C ALA A 583 21.99 -3.44 12.40
N ASP A 584 22.89 -3.76 13.31
CA ASP A 584 24.28 -3.93 12.96
C ASP A 584 24.62 -5.35 12.55
N THR A 585 25.90 -5.61 12.22
CA THR A 585 26.27 -6.95 11.78
C THR A 585 27.23 -7.64 12.69
N ILE A 586 26.85 -8.86 13.04
CA ILE A 586 27.57 -9.75 13.92
C ILE A 586 28.49 -10.64 13.11
N SER A 587 29.74 -10.79 13.59
CA SER A 587 30.73 -11.62 12.94
C SER A 587 30.21 -13.03 12.90
N SER A 588 30.53 -13.76 11.85
CA SER A 588 30.03 -15.12 11.76
C SER A 588 31.06 -16.03 11.12
N GLY A 589 31.42 -17.09 11.84
CA GLY A 589 32.42 -18.04 11.36
C GLY A 589 31.75 -19.17 10.60
N PRO A 590 32.49 -20.23 10.25
CA PRO A 590 32.05 -21.39 9.53
C PRO A 590 30.98 -22.09 10.31
N VAL A 591 30.03 -22.69 9.61
CA VAL A 591 28.95 -23.43 10.23
C VAL A 591 28.75 -24.80 9.61
N ASN A 592 28.60 -25.80 10.44
CA ASN A 592 28.28 -27.12 9.92
C ASN A 592 27.30 -27.73 10.92
N SER A 593 26.01 -27.63 10.62
CA SER A 593 25.02 -28.07 11.59
C SER A 593 23.69 -28.36 10.94
N GLU A 594 22.76 -28.84 11.75
CA GLU A 594 21.41 -29.15 11.36
C GLU A 594 20.52 -27.91 11.23
N SER A 595 20.98 -26.75 11.68
CA SER A 595 20.15 -25.55 11.58
C SER A 595 19.98 -25.22 10.12
N ILE A 596 18.78 -24.78 9.72
CA ILE A 596 18.58 -24.48 8.31
C ILE A 596 17.98 -23.10 8.10
N PRO A 597 18.70 -22.01 8.31
CA PRO A 597 18.17 -20.67 8.15
C PRO A 597 17.88 -20.35 6.70
N ALA A 598 18.48 -21.13 5.81
CA ALA A 598 18.37 -20.96 4.39
C ALA A 598 17.03 -21.40 3.83
N LEU A 599 16.31 -22.26 4.54
CA LEU A 599 15.07 -22.77 3.96
C LEU A 599 13.88 -22.44 4.79
N THR A 600 12.78 -22.21 4.11
CA THR A 600 11.56 -21.86 4.78
C THR A 600 10.33 -22.26 3.99
N ALA A 601 9.22 -21.63 4.31
CA ALA A 601 7.97 -21.88 3.65
C ALA A 601 7.26 -20.57 3.40
N ALA A 602 7.44 -19.99 2.22
CA ALA A 602 6.87 -18.68 1.88
C ALA A 602 5.37 -18.72 1.98
N GLU A 603 4.81 -19.90 1.80
CA GLU A 603 3.40 -20.11 1.83
C GLU A 603 2.75 -19.71 3.11
N THR A 604 3.52 -19.66 4.19
CA THR A 604 3.01 -19.33 5.49
C THR A 604 2.67 -17.87 5.68
N GLY A 605 3.06 -16.99 4.76
CA GLY A 605 2.67 -15.59 4.91
C GLY A 605 3.55 -14.69 5.77
N HIS A 606 4.81 -15.04 5.95
CA HIS A 606 5.71 -14.21 6.74
C HIS A 606 7.01 -14.17 6.02
N THR A 607 7.81 -13.16 6.30
CA THR A 607 9.07 -13.08 5.62
C THR A 607 10.11 -13.88 6.36
N SER A 608 11.17 -14.20 5.64
CA SER A 608 12.34 -14.79 6.23
C SER A 608 13.06 -13.74 7.03
N GLN A 609 13.68 -14.17 8.10
CA GLN A 609 14.43 -13.29 8.98
C GLN A 609 15.93 -13.43 8.78
N VAL A 610 16.32 -14.14 7.74
CA VAL A 610 17.73 -14.41 7.45
C VAL A 610 18.51 -13.13 7.25
N VAL A 611 19.71 -13.08 7.81
CA VAL A 611 20.57 -11.93 7.64
C VAL A 611 21.89 -12.47 7.13
N PRO A 612 22.81 -11.67 6.58
CA PRO A 612 24.08 -12.12 6.05
C PRO A 612 24.87 -13.06 6.98
N ALA A 613 24.76 -12.89 8.30
CA ALA A 613 25.50 -13.75 9.23
C ALA A 613 25.10 -15.22 9.11
N ASP A 614 23.95 -15.48 8.52
CA ASP A 614 23.40 -16.81 8.36
C ASP A 614 23.82 -17.49 7.05
N THR A 615 24.35 -16.72 6.08
CA THR A 615 24.71 -17.30 4.78
C THR A 615 26.19 -17.28 4.45
N MET A 616 26.90 -16.26 4.91
CA MET A 616 28.31 -16.16 4.59
C MET A 616 29.08 -15.76 5.82
N GLN A 617 30.37 -16.00 5.82
CA GLN A 617 31.16 -15.53 6.93
C GLN A 617 31.20 -14.03 6.86
N THR A 618 31.04 -13.42 8.02
CA THR A 618 30.96 -11.97 8.17
C THR A 618 31.94 -11.39 9.15
N ARG A 619 32.11 -10.09 9.05
CA ARG A 619 32.92 -9.34 9.99
C ARG A 619 31.98 -8.53 10.84
N HIS A 620 32.41 -8.11 11.99
CA HIS A 620 31.54 -7.24 12.76
C HIS A 620 31.48 -5.89 12.08
N VAL A 621 30.29 -5.31 11.99
CA VAL A 621 30.15 -3.97 11.44
C VAL A 621 29.32 -3.07 12.34
N LYS A 622 29.90 -1.99 12.83
CA LYS A 622 29.13 -1.10 13.67
C LYS A 622 28.46 -0.13 12.77
N ASN A 623 27.27 -0.47 12.40
CA ASN A 623 26.52 0.30 11.46
C ASN A 623 25.82 1.41 12.21
N TYR A 624 26.18 2.65 11.88
CA TYR A 624 25.67 3.82 12.57
C TYR A 624 24.58 4.54 11.83
N HIS A 625 24.06 3.94 10.78
CA HIS A 625 23.03 4.57 9.97
C HIS A 625 21.69 4.59 10.69
N SER A 626 20.90 5.64 10.48
CA SER A 626 19.56 5.72 11.07
C SER A 626 18.48 5.55 10.01
N ARG A 627 17.22 5.51 10.45
CA ARG A 627 16.09 5.37 9.55
C ARG A 627 15.12 6.55 9.63
N SER A 628 15.60 7.73 10.00
CA SER A 628 14.73 8.91 10.19
C SER A 628 13.94 9.34 8.98
N GLU A 629 14.48 9.30 7.79
CA GLU A 629 13.72 9.79 6.66
C GLU A 629 12.64 8.84 6.21
N SER A 630 12.64 7.64 6.76
CA SER A 630 11.68 6.65 6.38
C SER A 630 10.46 6.79 7.27
N THR A 631 10.51 7.64 8.28
CA THR A 631 9.38 7.73 9.16
C THR A 631 8.22 8.33 8.39
N VAL A 632 7.01 7.97 8.76
CA VAL A 632 5.85 8.47 8.05
C VAL A 632 5.76 9.98 8.06
N GLU A 633 6.06 10.58 9.19
CA GLU A 633 5.97 12.01 9.30
C GLU A 633 6.87 12.71 8.29
N ASN A 634 8.07 12.21 8.07
CA ASN A 634 8.95 12.89 7.16
C ASN A 634 8.51 12.66 5.75
N PHE A 635 7.97 11.48 5.47
CA PHE A 635 7.54 11.18 4.13
C PHE A 635 6.47 12.16 3.67
N LEU A 636 5.47 12.39 4.52
CA LEU A 636 4.35 13.25 4.16
C LEU A 636 4.46 14.75 4.42
N CYS A 637 5.24 15.19 5.41
CA CYS A 637 5.25 16.61 5.74
C CYS A 637 6.03 17.55 4.83
N ARG A 638 5.52 17.72 3.64
CA ARG A 638 6.03 18.63 2.61
C ARG A 638 4.82 19.35 2.05
N SER A 639 4.96 20.61 1.69
CA SER A 639 3.80 21.33 1.17
C SER A 639 3.64 21.13 -0.32
N ALA A 640 2.64 20.35 -0.72
CA ALA A 640 2.42 20.01 -2.12
C ALA A 640 1.43 20.93 -2.78
N CYS A 641 1.62 21.26 -4.05
CA CYS A 641 0.57 22.01 -4.70
C CYS A 641 -0.56 21.06 -4.89
N VAL A 642 -1.75 21.45 -4.49
CA VAL A 642 -2.91 20.61 -4.68
C VAL A 642 -3.77 21.13 -5.78
N TYR A 643 -3.97 22.41 -5.78
CA TYR A 643 -4.87 22.94 -6.77
C TYR A 643 -4.63 24.39 -7.06
N TYR A 644 -4.97 24.82 -8.27
CA TYR A 644 -4.97 26.23 -8.49
C TYR A 644 -6.06 26.63 -9.43
N THR A 645 -6.50 27.85 -9.25
CA THR A 645 -7.49 28.46 -10.11
C THR A 645 -7.31 29.93 -10.29
N THR A 646 -8.17 30.50 -11.12
CA THR A 646 -8.08 31.92 -11.42
C THR A 646 -9.34 32.72 -11.31
N TYR A 647 -9.16 34.02 -11.22
CA TYR A 647 -10.22 35.00 -11.22
C TYR A 647 -9.73 36.33 -11.77
N LYS A 648 -10.67 37.14 -12.22
CA LYS A 648 -10.34 38.43 -12.84
C LYS A 648 -10.91 39.62 -12.09
N ASN A 649 -10.36 40.80 -12.38
CA ASN A 649 -10.87 42.03 -11.76
C ASN A 649 -11.94 42.72 -12.60
N HIS A 650 -12.42 42.05 -13.62
CA HIS A 650 -13.48 42.56 -14.47
C HIS A 650 -14.26 41.34 -14.88
N GLY A 651 -15.52 41.49 -15.19
CA GLY A 651 -16.30 40.34 -15.58
C GLY A 651 -17.74 40.74 -15.71
N THR A 652 -18.63 39.77 -15.86
CA THR A 652 -20.04 40.09 -16.05
C THR A 652 -20.90 39.80 -14.83
N ASP A 653 -21.67 40.80 -14.44
CA ASP A 653 -22.64 40.71 -13.35
C ASP A 653 -22.07 40.17 -12.04
N GLY A 654 -20.89 40.62 -11.65
CA GLY A 654 -20.31 40.21 -10.38
C GLY A 654 -19.62 38.86 -10.41
N ASP A 655 -19.54 38.23 -11.58
CA ASP A 655 -18.94 36.91 -11.70
C ASP A 655 -17.43 37.00 -11.81
N ASN A 656 -16.82 37.38 -10.70
CA ASN A 656 -15.39 37.57 -10.56
C ASN A 656 -14.78 36.90 -9.36
N PHE A 657 -15.17 35.69 -9.10
CA PHE A 657 -14.59 34.99 -7.99
C PHE A 657 -14.35 33.59 -8.38
N ALA A 658 -13.40 32.99 -7.74
CA ALA A 658 -13.11 31.62 -8.00
C ALA A 658 -13.64 30.78 -6.89
N GLN A 659 -13.94 29.54 -7.20
CA GLN A 659 -14.31 28.66 -6.11
C GLN A 659 -13.71 27.29 -6.34
N TRP A 660 -13.44 26.60 -5.25
CA TRP A 660 -12.93 25.27 -5.33
C TRP A 660 -13.39 24.34 -4.24
N VAL A 661 -13.92 23.22 -4.65
CA VAL A 661 -14.39 22.22 -3.74
C VAL A 661 -13.19 21.51 -3.19
N ILE A 662 -13.11 21.34 -1.89
CA ILE A 662 -11.91 20.71 -1.40
C ILE A 662 -11.90 19.29 -1.91
N ASN A 663 -10.80 18.93 -2.52
CA ASN A 663 -10.61 17.63 -3.10
C ASN A 663 -9.13 17.37 -3.28
N THR A 664 -8.58 16.43 -2.53
CA THR A 664 -7.14 16.18 -2.57
C THR A 664 -6.76 15.15 -3.61
N ARG A 665 -7.74 14.72 -4.39
CA ARG A 665 -7.53 13.71 -5.39
C ARG A 665 -7.34 14.25 -6.81
N GLN A 666 -7.31 15.57 -6.96
CA GLN A 666 -7.18 16.19 -8.27
C GLN A 666 -5.73 16.33 -8.70
N VAL A 667 -4.83 16.10 -7.74
CA VAL A 667 -3.39 16.22 -7.91
C VAL A 667 -2.68 14.89 -7.90
N ALA A 668 -1.99 14.57 -8.98
CA ALA A 668 -1.39 13.26 -9.09
C ALA A 668 -0.32 12.94 -8.07
N GLN A 669 0.63 13.84 -7.80
CA GLN A 669 1.66 13.39 -6.89
C GLN A 669 1.23 13.22 -5.45
N LEU A 670 0.43 14.15 -4.94
CA LEU A 670 0.02 14.07 -3.55
C LEU A 670 -0.95 12.95 -3.37
N ARG A 671 -1.84 12.75 -4.33
CA ARG A 671 -2.79 11.70 -4.19
C ARG A 671 -2.06 10.38 -4.06
N ARG A 672 -1.06 10.17 -4.91
CA ARG A 672 -0.32 8.93 -4.86
C ARG A 672 0.28 8.67 -3.51
N LYS A 673 0.90 9.68 -2.92
CA LYS A 673 1.51 9.46 -1.63
C LYS A 673 0.46 9.17 -0.57
N LEU A 674 -0.63 9.92 -0.60
CA LEU A 674 -1.62 9.74 0.43
C LEU A 674 -2.29 8.38 0.35
N GLU A 675 -2.51 7.88 -0.87
CA GLU A 675 -3.18 6.60 -1.07
C GLU A 675 -2.38 5.41 -0.63
N MET A 676 -1.13 5.60 -0.22
CA MET A 676 -0.38 4.47 0.26
C MET A 676 -0.96 3.97 1.56
N PHE A 677 -1.68 4.80 2.31
CA PHE A 677 -2.24 4.27 3.53
C PHE A 677 -3.73 4.27 3.43
N THR A 678 -4.36 3.20 3.89
CA THR A 678 -5.80 3.11 3.81
C THR A 678 -6.44 4.15 4.71
N TYR A 679 -5.90 4.31 5.92
CA TYR A 679 -6.50 5.26 6.85
C TYR A 679 -5.44 6.19 7.38
N ALA A 680 -5.81 7.43 7.61
CA ALA A 680 -4.85 8.33 8.21
C ALA A 680 -5.48 9.39 9.05
N ARG A 681 -4.78 9.79 10.07
CA ARG A 681 -5.24 10.85 10.93
C ARG A 681 -4.19 11.91 11.05
N PHE A 682 -4.53 13.11 10.63
CA PHE A 682 -3.56 14.20 10.66
C PHE A 682 -4.15 15.58 10.69
N ASP A 683 -3.33 16.53 11.10
CA ASP A 683 -3.69 17.94 11.04
C ASP A 683 -3.15 18.41 9.72
N LEU A 684 -3.72 19.45 9.17
CA LEU A 684 -3.26 19.94 7.91
C LEU A 684 -2.86 21.38 7.90
N GLU A 685 -1.66 21.66 7.45
CA GLU A 685 -1.27 23.04 7.38
C GLU A 685 -1.38 23.52 5.95
N LEU A 686 -2.00 24.68 5.77
CA LEU A 686 -2.15 25.24 4.45
C LEU A 686 -1.31 26.46 4.23
N THR A 687 -0.84 26.58 3.00
CA THR A 687 -0.14 27.76 2.54
C THR A 687 -0.73 28.16 1.20
N PHE A 688 -0.89 29.45 0.97
CA PHE A 688 -1.40 29.86 -0.34
C PHE A 688 -0.35 30.68 -1.05
N VAL A 689 -0.25 30.54 -2.34
CA VAL A 689 0.65 31.40 -3.10
C VAL A 689 -0.17 32.14 -4.11
N ILE A 690 -0.16 33.45 -3.99
CA ILE A 690 -0.99 34.27 -4.83
C ILE A 690 -0.18 35.11 -5.77
N THR A 691 -0.44 34.97 -7.06
CA THR A 691 0.28 35.76 -8.06
C THR A 691 -0.69 36.36 -9.05
N SER A 692 -0.23 37.35 -9.80
CA SER A 692 -1.09 37.97 -10.79
C SER A 692 -0.35 38.52 -11.98
N SER A 693 -1.10 38.79 -13.05
CA SER A 693 -0.54 39.34 -14.27
C SER A 693 -1.50 40.22 -15.03
N GLN A 694 -0.96 40.95 -15.98
CA GLN A 694 -1.74 41.84 -16.80
C GLN A 694 -2.37 41.17 -18.00
N GLU A 695 -3.58 41.57 -18.35
CA GLU A 695 -4.17 41.06 -19.57
C GLU A 695 -3.89 42.03 -20.70
N GLN A 696 -3.90 41.53 -21.91
CA GLN A 696 -3.71 42.41 -23.05
C GLN A 696 -4.81 43.45 -23.08
N SER A 697 -4.41 44.70 -23.21
CA SER A 697 -5.35 45.81 -23.24
C SER A 697 -4.84 46.97 -24.03
N THR A 698 -5.78 47.82 -24.44
CA THR A 698 -5.50 49.02 -25.20
C THR A 698 -5.51 50.26 -24.33
N ILE A 699 -5.70 50.07 -23.05
CA ILE A 699 -5.78 51.14 -22.06
C ILE A 699 -4.47 51.73 -21.64
N LYS A 700 -4.41 53.04 -21.68
CA LYS A 700 -3.24 53.73 -21.20
C LYS A 700 -3.61 54.17 -19.82
N GLY A 701 -2.65 54.39 -18.93
CA GLY A 701 -3.05 54.85 -17.60
C GLY A 701 -3.51 53.70 -16.72
N GLN A 702 -2.81 52.57 -16.80
CA GLN A 702 -3.17 51.40 -16.01
C GLN A 702 -2.52 51.34 -14.63
N ASP A 703 -1.76 52.38 -14.26
CA ASP A 703 -1.09 52.39 -12.96
C ASP A 703 -2.13 52.14 -11.90
N SER A 704 -1.90 51.14 -11.05
CA SER A 704 -2.88 50.77 -10.05
C SER A 704 -2.28 50.51 -8.66
N PRO A 705 -3.03 50.74 -7.58
CA PRO A 705 -2.73 50.40 -6.20
C PRO A 705 -2.56 48.92 -6.00
N VAL A 706 -1.83 48.55 -4.95
CA VAL A 706 -1.61 47.15 -4.61
C VAL A 706 -2.91 46.43 -4.31
N LEU A 707 -3.03 45.23 -4.83
CA LEU A 707 -4.20 44.43 -4.64
C LEU A 707 -4.18 43.64 -3.35
N THR A 708 -5.37 43.50 -2.80
CA THR A 708 -5.63 42.70 -1.62
C THR A 708 -6.64 41.66 -2.01
N HIS A 709 -6.44 40.46 -1.52
CA HIS A 709 -7.26 39.32 -1.84
C HIS A 709 -7.94 38.75 -0.62
N GLN A 710 -9.13 38.21 -0.82
CA GLN A 710 -9.87 37.51 0.24
C GLN A 710 -10.10 36.06 -0.07
N ILE A 711 -9.70 35.21 0.85
CA ILE A 711 -9.96 33.79 0.74
C ILE A 711 -10.91 33.41 1.84
N MET A 712 -12.04 32.85 1.50
CA MET A 712 -13.01 32.47 2.49
C MET A 712 -13.39 31.01 2.42
N TYR A 713 -13.56 30.41 3.58
CA TYR A 713 -13.98 29.03 3.57
C TYR A 713 -15.39 28.89 4.01
N VAL A 714 -16.16 28.21 3.18
CA VAL A 714 -17.54 28.00 3.48
C VAL A 714 -17.76 26.51 3.69
N PRO A 715 -18.08 26.08 4.91
CA PRO A 715 -18.37 24.73 5.27
C PRO A 715 -19.62 24.31 4.56
N PRO A 716 -19.91 23.03 4.43
CA PRO A 716 -21.10 22.55 3.79
C PRO A 716 -22.30 23.18 4.43
N GLY A 717 -23.23 23.65 3.62
CA GLY A 717 -24.46 24.25 4.13
C GLY A 717 -24.36 25.71 4.51
N GLY A 718 -23.23 26.35 4.27
CA GLY A 718 -23.13 27.75 4.63
C GLY A 718 -23.77 28.58 3.53
N PRO A 719 -23.84 29.89 3.69
CA PRO A 719 -24.30 30.83 2.71
C PRO A 719 -23.30 30.74 1.59
N VAL A 720 -23.71 30.97 0.37
CA VAL A 720 -22.79 30.93 -0.74
C VAL A 720 -22.74 32.26 -1.51
N PRO A 721 -21.55 32.76 -1.84
CA PRO A 721 -21.35 33.89 -2.72
C PRO A 721 -21.90 33.59 -4.10
N THR A 722 -22.54 34.56 -4.72
CA THR A 722 -23.06 34.37 -6.06
C THR A 722 -22.47 35.46 -6.88
N LYS A 723 -22.04 36.47 -6.15
CA LYS A 723 -21.45 37.68 -6.68
C LYS A 723 -20.31 38.14 -5.81
N ILE A 724 -19.34 38.84 -6.39
CA ILE A 724 -18.28 39.39 -5.56
C ILE A 724 -18.73 40.43 -4.55
N ASN A 725 -19.85 41.08 -4.79
CA ASN A 725 -20.34 42.05 -3.83
C ASN A 725 -21.50 41.53 -2.98
N SER A 726 -21.69 40.23 -2.95
CA SER A 726 -22.74 39.64 -2.13
C SER A 726 -22.46 39.73 -0.64
N TYR A 727 -23.52 39.83 0.14
CA TYR A 727 -23.45 39.88 1.61
C TYR A 727 -22.84 38.59 2.13
N SER A 728 -22.84 37.55 1.31
CA SER A 728 -22.30 36.27 1.72
C SER A 728 -20.81 36.42 2.09
N TRP A 729 -20.14 37.50 1.66
CA TRP A 729 -18.73 37.74 1.94
C TRP A 729 -18.48 38.48 3.27
N GLN A 730 -19.55 38.81 4.02
CA GLN A 730 -19.43 39.52 5.30
C GLN A 730 -18.56 38.75 6.26
N THR A 731 -18.65 37.44 6.18
CA THR A 731 -17.86 36.55 6.98
C THR A 731 -17.98 36.77 8.48
N SER A 732 -19.18 36.67 9.03
CA SER A 732 -19.24 36.87 10.45
C SER A 732 -18.73 35.71 11.25
N THR A 733 -18.84 34.50 10.72
CA THR A 733 -18.39 33.33 11.44
C THR A 733 -17.40 32.54 10.61
N ASN A 734 -17.72 32.32 9.35
CA ASN A 734 -16.87 31.52 8.49
C ASN A 734 -15.46 32.07 8.58
N PRO A 735 -14.42 31.26 8.69
CA PRO A 735 -13.07 31.77 8.75
C PRO A 735 -12.70 32.29 7.37
N SER A 736 -11.84 33.30 7.34
CA SER A 736 -11.31 33.84 6.10
C SER A 736 -9.99 34.52 6.32
N VAL A 737 -9.25 34.70 5.24
CA VAL A 737 -7.99 35.42 5.27
C VAL A 737 -7.88 36.52 4.24
N PHE A 738 -7.47 37.69 4.70
CA PHE A 738 -7.25 38.83 3.83
C PHE A 738 -5.75 39.05 3.69
N TRP A 739 -5.30 39.27 2.46
CA TRP A 739 -3.87 39.43 2.23
C TRP A 739 -3.48 40.39 1.13
N THR A 740 -2.43 41.17 1.37
CA THR A 740 -1.95 42.14 0.40
C THR A 740 -0.68 41.69 -0.32
N GLU A 741 -0.69 41.84 -1.63
CA GLU A 741 0.45 41.41 -2.42
C GLU A 741 1.74 42.08 -1.99
N GLY A 742 2.79 41.28 -1.93
CA GLY A 742 4.11 41.72 -1.52
C GLY A 742 4.46 41.20 -0.13
N SER A 743 3.45 40.79 0.62
CA SER A 743 3.67 40.22 1.94
C SER A 743 4.03 38.76 1.79
N ALA A 744 4.46 38.12 2.86
CA ALA A 744 4.77 36.72 2.76
C ALA A 744 3.48 36.02 2.40
N PRO A 745 3.50 34.89 1.71
CA PRO A 745 2.32 34.14 1.34
C PRO A 745 1.53 33.78 2.59
N PRO A 746 0.18 33.71 2.56
CA PRO A 746 -0.70 33.34 3.65
C PRO A 746 -0.47 31.94 4.17
N ARG A 747 -0.65 31.77 5.48
CA ARG A 747 -0.53 30.45 6.12
C ARG A 747 -1.54 30.20 7.24
N ILE A 748 -2.06 28.98 7.32
CA ILE A 748 -3.04 28.68 8.36
C ILE A 748 -3.11 27.19 8.75
N SER A 749 -3.39 26.88 10.04
CA SER A 749 -3.51 25.48 10.47
C SER A 749 -4.93 24.92 10.66
N ILE A 750 -5.20 23.78 10.02
CA ILE A 750 -6.49 23.15 10.13
C ILE A 750 -6.36 21.84 10.94
N PRO A 751 -7.03 21.68 12.06
CA PRO A 751 -6.94 20.51 12.92
C PRO A 751 -7.61 19.36 12.24
N PHE A 752 -7.33 18.13 12.64
CA PHE A 752 -8.06 16.99 12.07
C PHE A 752 -9.56 17.18 12.22
N ILE A 753 -10.32 17.01 11.11
CA ILE A 753 -11.77 17.22 11.14
C ILE A 753 -12.70 16.09 10.73
N SER A 754 -12.27 14.86 10.73
CA SER A 754 -13.21 13.84 10.30
C SER A 754 -14.37 13.55 11.24
N ILE A 755 -15.43 13.08 10.61
CA ILE A 755 -16.65 12.51 11.16
C ILE A 755 -16.36 11.23 11.96
N GLY A 756 -15.41 10.45 11.41
CA GLY A 756 -14.93 9.19 11.96
C GLY A 756 -13.61 9.46 12.68
N ASN A 757 -12.81 8.44 12.94
CA ASN A 757 -11.58 8.66 13.69
C ASN A 757 -10.34 8.78 12.82
N ALA A 758 -10.54 8.70 11.53
CA ALA A 758 -9.48 8.77 10.53
C ALA A 758 -10.09 9.19 9.21
N TYR A 759 -9.29 9.72 8.32
CA TYR A 759 -9.77 10.02 7.00
C TYR A 759 -9.60 8.74 6.21
N SER A 760 -10.58 8.38 5.39
CA SER A 760 -10.41 7.18 4.59
C SER A 760 -9.85 7.56 3.25
N MET A 761 -8.89 6.79 2.75
CA MET A 761 -8.43 7.05 1.41
C MET A 761 -9.24 6.30 0.38
N PHE A 762 -9.81 5.19 0.79
CA PHE A 762 -10.62 4.32 -0.05
C PHE A 762 -11.95 4.03 0.62
N TYR A 763 -12.98 3.77 -0.17
CA TYR A 763 -14.28 3.40 0.39
C TYR A 763 -15.01 2.40 -0.45
N ASP A 764 -14.93 1.13 -0.06
CA ASP A 764 -15.58 0.12 -0.89
C ASP A 764 -17.04 0.00 -0.50
N GLY A 765 -17.81 0.98 -0.96
CA GLY A 765 -19.21 1.05 -0.62
C GLY A 765 -19.97 2.15 -1.33
N TRP A 766 -21.23 2.26 -0.96
CA TRP A 766 -22.18 3.18 -1.54
C TRP A 766 -22.70 4.19 -0.55
N ALA A 767 -23.10 5.34 -1.06
CA ALA A 767 -23.72 6.34 -0.21
C ALA A 767 -25.06 5.89 0.37
N ARG A 768 -25.84 5.15 -0.41
CA ARG A 768 -27.20 4.79 -0.04
C ARG A 768 -27.37 3.31 0.23
N PHE A 769 -28.38 2.98 1.01
CA PHE A 769 -28.67 1.63 1.43
C PHE A 769 -29.17 0.73 0.31
N ASP A 770 -29.68 1.34 -0.75
CA ASP A 770 -30.19 0.64 -1.91
C ASP A 770 -29.13 0.54 -2.99
N LYS A 771 -27.95 1.06 -2.65
CA LYS A 771 -26.78 1.14 -3.47
C LYS A 771 -27.06 1.86 -4.80
N GLN A 772 -27.92 2.90 -4.75
CA GLN A 772 -28.27 3.67 -5.95
C GLN A 772 -27.60 5.02 -6.11
N GLY A 773 -26.70 5.36 -5.22
CA GLY A 773 -26.03 6.65 -5.29
C GLY A 773 -24.70 6.39 -5.92
N THR A 774 -23.71 7.20 -5.60
CA THR A 774 -22.44 6.93 -6.19
C THR A 774 -21.77 5.84 -5.40
N TYR A 775 -20.76 5.29 -6.02
CA TYR A 775 -19.94 4.24 -5.46
C TYR A 775 -18.51 4.67 -5.33
N GLY A 776 -17.92 4.40 -4.18
CA GLY A 776 -16.53 4.72 -3.97
C GLY A 776 -16.28 5.90 -3.04
N ILE A 777 -15.04 6.36 -3.03
CA ILE A 777 -14.55 7.37 -2.12
C ILE A 777 -15.25 8.71 -2.14
N ASN A 778 -15.81 9.11 -3.25
CA ASN A 778 -16.42 10.41 -3.28
C ASN A 778 -17.67 10.54 -2.43
N THR A 779 -18.19 9.43 -1.88
CA THR A 779 -19.40 9.49 -1.07
C THR A 779 -19.11 10.12 0.26
N LEU A 780 -17.85 10.18 0.64
CA LEU A 780 -17.45 10.74 1.90
C LEU A 780 -16.93 12.15 1.75
N ASN A 781 -16.88 12.67 0.53
CA ASN A 781 -16.24 13.95 0.42
C ASN A 781 -17.18 15.10 0.59
N ASN A 782 -17.28 15.58 1.81
CA ASN A 782 -18.17 16.69 2.11
C ASN A 782 -17.41 17.65 3.02
N MET A 783 -16.27 18.13 2.50
CA MET A 783 -15.32 18.97 3.23
C MET A 783 -15.41 20.48 3.00
N GLY A 784 -16.45 20.94 2.32
CA GLY A 784 -16.66 22.37 2.09
C GLY A 784 -15.95 22.90 0.85
N THR A 785 -16.10 24.21 0.63
CA THR A 785 -15.58 24.90 -0.55
C THR A 785 -14.85 26.21 -0.24
N LEU A 786 -13.77 26.51 -0.95
CA LEU A 786 -13.13 27.81 -0.79
C LEU A 786 -13.63 28.76 -1.84
N TYR A 787 -13.78 30.01 -1.45
CA TYR A 787 -14.17 31.06 -2.36
C TYR A 787 -13.11 32.15 -2.36
N MET A 788 -12.76 32.67 -3.54
CA MET A 788 -11.71 33.69 -3.60
C MET A 788 -12.03 34.89 -4.48
N ARG A 789 -11.66 36.07 -4.02
CA ARG A 789 -11.88 37.27 -4.82
C ARG A 789 -10.96 38.42 -4.47
N HIS A 790 -10.92 39.43 -5.33
CA HIS A 790 -10.21 40.64 -4.97
C HIS A 790 -11.12 41.44 -4.05
N VAL A 791 -10.52 42.23 -3.16
CA VAL A 791 -11.29 43.12 -2.29
C VAL A 791 -11.06 44.59 -2.59
N ASN A 792 -10.45 44.83 -3.73
CA ASN A 792 -10.27 46.17 -4.23
C ASN A 792 -11.48 46.39 -5.08
N ASP A 793 -11.64 47.56 -5.64
CA ASP A 793 -12.72 47.75 -6.59
C ASP A 793 -12.06 47.53 -7.94
N GLY A 794 -12.81 47.63 -9.00
CA GLY A 794 -12.21 47.44 -10.31
C GLY A 794 -11.43 48.67 -10.74
N SER A 795 -10.48 48.46 -11.65
CA SER A 795 -9.69 49.52 -12.25
C SER A 795 -9.78 49.27 -13.74
N PRO A 796 -9.68 50.28 -14.62
CA PRO A 796 -9.69 50.11 -16.06
C PRO A 796 -8.71 49.08 -16.61
N GLY A 797 -7.51 48.93 -16.01
CA GLY A 797 -6.54 47.97 -16.51
C GLY A 797 -6.92 46.55 -16.05
N PRO A 798 -7.22 45.61 -16.97
CA PRO A 798 -7.62 44.27 -16.65
C PRO A 798 -6.49 43.45 -16.07
N ILE A 799 -6.83 42.72 -15.03
CA ILE A 799 -5.93 41.84 -14.29
C ILE A 799 -6.49 40.46 -14.09
N VAL A 800 -5.64 39.48 -14.27
CA VAL A 800 -6.01 38.10 -14.00
C VAL A 800 -5.11 37.57 -12.89
N SER A 801 -5.71 36.95 -11.91
CA SER A 801 -5.00 36.44 -10.76
C SER A 801 -5.08 34.92 -10.66
N THR A 802 -4.02 34.30 -10.15
CA THR A 802 -3.94 32.85 -9.95
C THR A 802 -3.58 32.50 -8.52
N VAL A 803 -4.31 31.56 -7.93
CA VAL A 803 -3.99 31.16 -6.59
C VAL A 803 -3.69 29.69 -6.50
N ARG A 804 -2.52 29.38 -5.94
CA ARG A 804 -2.10 28.01 -5.74
C ARG A 804 -2.25 27.64 -4.29
N ILE A 805 -2.88 26.51 -4.05
CA ILE A 805 -3.17 26.06 -2.71
C ILE A 805 -2.27 24.90 -2.37
N TYR A 806 -1.51 25.03 -1.27
CA TYR A 806 -0.58 24.00 -0.86
C TYR A 806 -0.96 23.31 0.44
N PHE A 807 -0.80 22.01 0.45
CA PHE A 807 -1.12 21.15 1.61
C PHE A 807 0.06 20.46 2.26
N LYS A 808 0.22 20.64 3.58
CA LYS A 808 1.26 19.96 4.35
C LYS A 808 0.73 19.24 5.59
N PRO A 809 0.39 17.96 5.52
CA PRO A 809 -0.09 17.16 6.62
C PRO A 809 0.94 17.18 7.72
N LYS A 810 0.49 17.20 8.97
CA LYS A 810 1.34 17.18 10.16
C LYS A 810 0.83 16.21 11.22
N HIS A 811 1.74 15.67 12.03
CA HIS A 811 1.35 14.83 13.15
C HIS A 811 0.56 13.70 12.57
N VAL A 812 1.15 13.04 11.58
CA VAL A 812 0.38 12.08 10.85
C VAL A 812 0.55 10.66 11.33
N LYS A 813 -0.56 10.05 11.68
CA LYS A 813 -0.55 8.67 12.08
C LYS A 813 -1.27 7.90 10.98
N THR A 814 -0.70 6.80 10.50
CA THR A 814 -1.37 6.05 9.45
C THR A 814 -1.50 4.57 9.74
N TRP A 815 -2.48 3.95 9.07
CA TRP A 815 -2.72 2.53 9.23
C TRP A 815 -2.99 1.82 7.93
N VAL A 816 -2.63 0.54 7.90
CA VAL A 816 -2.96 -0.34 6.81
C VAL A 816 -2.41 0.14 5.47
N PRO A 817 -1.15 -0.13 5.18
CA PRO A 817 -0.47 0.29 3.98
C PRO A 817 -1.05 -0.46 2.81
N ARG A 818 -0.95 0.13 1.64
CA ARG A 818 -1.47 -0.46 0.43
C ARG A 818 -0.42 -0.46 -0.68
N PRO A 819 -0.55 -1.30 -1.70
CA PRO A 819 0.26 -1.29 -2.87
C PRO A 819 0.11 0.04 -3.58
N PRO A 820 1.18 0.68 -4.01
CA PRO A 820 1.19 1.90 -4.81
C PRO A 820 0.54 1.64 -6.15
N ARG A 821 -0.12 2.64 -6.71
CA ARG A 821 -0.78 2.50 -7.99
C ARG A 821 0.18 2.40 -9.19
N LEU A 822 -0.13 1.54 -10.16
CA LEU A 822 0.67 1.47 -11.37
C LEU A 822 0.02 2.17 -12.54
N CYS A 823 -1.29 2.24 -12.52
CA CYS A 823 -2.03 2.84 -13.59
C CYS A 823 -2.04 4.35 -13.38
N GLN A 824 -2.20 5.11 -14.44
CA GLN A 824 -2.26 6.55 -14.21
C GLN A 824 -3.65 6.89 -13.79
N TYR A 825 -3.80 7.95 -13.00
CA TYR A 825 -5.12 8.37 -12.52
C TYR A 825 -5.92 8.95 -13.65
N GLN A 826 -7.22 8.72 -13.64
CA GLN A 826 -8.06 9.27 -14.67
C GLN A 826 -9.01 10.33 -14.13
N LYS A 827 -9.55 10.06 -12.97
CA LYS A 827 -10.57 10.87 -12.34
C LYS A 827 -10.21 11.14 -10.91
N ALA A 828 -10.68 12.29 -10.39
CA ALA A 828 -10.52 12.67 -9.01
C ALA A 828 -11.61 12.04 -8.18
N GLY A 829 -12.74 11.75 -8.80
CA GLY A 829 -13.87 11.19 -8.06
C GLY A 829 -13.88 9.66 -7.93
N ASN A 830 -12.94 8.96 -8.53
CA ASN A 830 -12.97 7.49 -8.46
C ASN A 830 -11.61 6.86 -8.72
N VAL A 831 -11.60 5.54 -8.82
CA VAL A 831 -10.38 4.79 -9.04
C VAL A 831 -10.40 4.06 -10.38
N ASN A 832 -11.12 4.59 -11.35
CA ASN A 832 -11.16 3.96 -12.65
C ASN A 832 -9.75 3.98 -13.23
N PHE A 833 -9.41 2.98 -14.00
CA PHE A 833 -8.06 2.97 -14.52
C PHE A 833 -7.88 2.34 -15.87
N GLU A 834 -6.79 2.72 -16.51
CA GLU A 834 -6.37 2.12 -17.75
C GLU A 834 -5.49 0.94 -17.43
N PRO A 835 -5.80 -0.29 -17.89
CA PRO A 835 -5.05 -1.47 -17.60
C PRO A 835 -3.63 -1.19 -17.93
N SER A 836 -2.74 -1.59 -17.06
CA SER A 836 -1.33 -1.30 -17.26
C SER A 836 -0.44 -2.46 -16.86
N GLY A 837 0.68 -2.62 -17.58
CA GLY A 837 1.59 -3.72 -17.31
C GLY A 837 2.33 -3.54 -16.02
N VAL A 838 2.99 -4.60 -15.57
CA VAL A 838 3.65 -4.50 -14.29
C VAL A 838 5.09 -4.02 -14.33
N THR A 839 5.71 -4.02 -15.50
CA THR A 839 7.08 -3.57 -15.62
C THR A 839 7.49 -3.34 -17.04
N GLU A 840 8.50 -2.53 -17.27
CA GLU A 840 9.02 -2.38 -18.61
C GLU A 840 9.63 -3.72 -19.04
N GLY A 841 9.47 -4.09 -20.30
CA GLY A 841 10.05 -5.36 -20.71
C GLY A 841 11.52 -5.28 -21.08
N ARG A 842 12.06 -6.43 -21.47
CA ARG A 842 13.45 -6.59 -21.90
C ARG A 842 13.61 -7.77 -22.82
N THR A 843 14.77 -7.87 -23.46
CA THR A 843 15.02 -8.92 -24.44
C THR A 843 14.89 -10.35 -23.94
N GLU A 844 15.49 -10.60 -22.79
CA GLU A 844 15.30 -11.96 -22.23
C GLU A 844 15.39 -11.95 -20.71
N ILE A 845 15.11 -13.08 -20.13
CA ILE A 845 15.11 -13.30 -18.68
C ILE A 845 16.52 -13.30 -18.06
N THR A 846 17.55 -13.47 -18.89
CA THR A 846 18.96 -13.46 -18.53
C THR A 846 19.68 -12.20 -19.03
N ALA A 847 18.94 -11.27 -19.65
CA ALA A 847 19.54 -10.08 -20.22
C ALA A 847 19.95 -9.12 -19.14
N MET A 848 21.09 -8.46 -19.33
CA MET A 848 21.48 -7.49 -18.31
C MET A 848 20.94 -6.12 -18.64
N GLN A 849 20.54 -5.95 -19.91
CA GLN A 849 20.14 -4.59 -20.36
C GLN A 849 18.64 -4.41 -20.15
N THR A 850 18.26 -3.82 -19.01
CA THR A 850 16.82 -3.66 -18.70
C THR A 850 16.36 -2.25 -19.07
N SER B 79 2.06 -32.82 13.15
CA SER B 79 3.04 -31.89 13.67
C SER B 79 2.50 -30.46 13.57
N ASP B 80 3.30 -29.50 13.09
CA ASP B 80 2.75 -28.16 12.93
C ASP B 80 1.97 -28.05 11.64
N ARG B 81 1.95 -29.13 10.88
CA ARG B 81 1.19 -29.19 9.65
C ARG B 81 -0.28 -29.50 9.90
N VAL B 82 -0.66 -29.90 11.13
CA VAL B 82 -2.06 -30.25 11.38
C VAL B 82 -2.71 -29.28 12.35
N ARG B 83 -3.92 -28.81 12.01
CA ARG B 83 -4.67 -27.88 12.89
C ARG B 83 -6.16 -28.14 12.94
N SER B 84 -6.80 -27.73 14.03
CA SER B 84 -8.25 -27.84 14.14
C SER B 84 -8.92 -26.63 14.76
N ILE B 85 -9.92 -26.11 14.05
CA ILE B 85 -10.64 -24.94 14.54
C ILE B 85 -12.11 -25.20 14.82
N THR B 86 -12.52 -24.93 16.05
CA THR B 86 -13.91 -25.11 16.47
C THR B 86 -14.56 -23.82 16.84
N LEU B 87 -15.67 -23.52 16.18
CA LEU B 87 -16.44 -22.32 16.45
C LEU B 87 -17.92 -22.66 16.48
N GLY B 88 -18.62 -22.30 17.53
CA GLY B 88 -20.05 -22.59 17.50
C GLY B 88 -20.30 -24.07 17.36
N ASN B 89 -21.09 -24.45 16.37
CA ASN B 89 -21.42 -25.84 16.15
C ASN B 89 -20.68 -26.42 14.96
N SER B 90 -19.57 -25.82 14.58
CA SER B 90 -18.81 -26.34 13.46
C SER B 90 -17.32 -26.40 13.68
N THR B 91 -16.72 -27.50 13.23
CA THR B 91 -15.28 -27.70 13.29
C THR B 91 -14.64 -28.02 11.96
N ILE B 92 -13.52 -27.38 11.69
CA ILE B 92 -12.76 -27.68 10.49
C ILE B 92 -11.45 -28.32 10.87
N THR B 93 -11.19 -29.51 10.38
CA THR B 93 -9.92 -30.11 10.71
C THR B 93 -9.10 -30.22 9.44
N THR B 94 -7.86 -29.75 9.48
CA THR B 94 -6.98 -29.80 8.33
C THR B 94 -5.67 -30.51 8.63
N GLN B 95 -5.26 -31.44 7.76
CA GLN B 95 -4.03 -32.17 8.00
C GLN B 95 -2.80 -31.59 7.33
N GLU B 96 -2.97 -30.83 6.27
CA GLU B 96 -1.82 -30.27 5.57
C GLU B 96 -2.05 -28.78 5.38
N CYS B 97 -1.52 -28.00 6.31
CA CYS B 97 -1.80 -26.58 6.27
C CYS B 97 -0.69 -25.70 6.72
N ALA B 98 -0.82 -24.45 6.32
CA ALA B 98 0.10 -23.38 6.71
C ALA B 98 -0.21 -22.87 8.10
N ASN B 99 0.78 -22.24 8.74
CA ASN B 99 0.54 -21.60 10.03
C ASN B 99 -0.49 -20.52 9.84
N VAL B 100 -1.30 -20.24 10.84
CA VAL B 100 -2.37 -19.27 10.70
C VAL B 100 -1.89 -17.83 10.69
N VAL B 101 -2.37 -17.09 9.69
CA VAL B 101 -2.06 -15.67 9.57
C VAL B 101 -3.07 -14.84 10.30
N VAL B 102 -2.59 -13.95 11.14
CA VAL B 102 -3.52 -13.18 11.92
C VAL B 102 -3.45 -11.69 11.75
N GLY B 103 -4.39 -11.16 10.99
CA GLY B 103 -4.58 -9.75 10.80
C GLY B 103 -3.30 -9.02 10.58
N TYR B 104 -3.20 -8.01 11.40
CA TYR B 104 -2.06 -7.15 11.56
C TYR B 104 -1.57 -7.38 12.97
N GLY B 105 -1.64 -8.63 13.41
CA GLY B 105 -1.21 -9.05 14.74
C GLY B 105 -2.32 -8.92 15.78
N THR B 106 -3.51 -8.59 15.32
CA THR B 106 -4.65 -8.39 16.18
C THR B 106 -5.67 -9.50 16.10
N TRP B 107 -5.97 -10.08 17.24
CA TRP B 107 -6.96 -11.13 17.35
C TRP B 107 -8.30 -10.40 17.49
N PRO B 108 -9.39 -10.77 16.81
CA PRO B 108 -10.70 -10.15 16.93
C PRO B 108 -11.28 -10.17 18.34
N THR B 109 -11.83 -9.02 18.78
CA THR B 109 -12.49 -8.84 20.07
C THR B 109 -13.76 -7.99 19.91
N TYR B 110 -14.54 -7.87 20.98
CA TYR B 110 -15.76 -7.06 21.08
C TYR B 110 -15.40 -5.59 21.37
N LEU B 111 -16.25 -4.61 21.03
CA LEU B 111 -15.91 -3.23 21.35
C LEU B 111 -15.91 -2.90 22.83
N ARG B 112 -14.95 -2.06 23.19
CA ARG B 112 -14.75 -1.55 24.52
C ARG B 112 -15.62 -0.33 24.79
N ASP B 113 -15.82 0.00 26.06
CA ASP B 113 -16.61 1.17 26.46
C ASP B 113 -15.88 2.44 26.04
N GLU B 114 -14.57 2.37 26.05
CA GLU B 114 -13.70 3.47 25.66
C GLU B 114 -13.88 3.84 24.20
N GLU B 115 -14.17 2.85 23.37
CA GLU B 115 -14.35 3.07 21.94
C GLU B 115 -15.73 2.65 21.52
N ALA B 116 -16.69 3.55 21.68
CA ALA B 116 -18.07 3.23 21.41
C ALA B 116 -18.80 4.49 20.93
N THR B 117 -19.85 4.26 20.16
CA THR B 117 -20.72 5.30 19.63
C THR B 117 -22.12 5.04 20.07
N ALA B 118 -22.73 4.03 19.47
CA ALA B 118 -24.09 3.71 19.76
C ALA B 118 -24.27 3.44 21.22
N GLU B 119 -25.35 4.00 21.74
CA GLU B 119 -25.70 3.85 23.14
C GLU B 119 -26.51 2.63 23.49
N ASP B 120 -27.22 2.03 22.55
CA ASP B 120 -28.08 0.93 22.93
C ASP B 120 -27.27 -0.29 23.28
N GLN B 121 -27.82 -1.12 24.13
CA GLN B 121 -27.15 -2.34 24.48
C GLN B 121 -27.09 -3.20 23.22
N PRO B 122 -25.92 -3.68 22.80
CA PRO B 122 -25.72 -4.45 21.60
C PRO B 122 -26.23 -5.85 21.75
N THR B 123 -26.54 -6.44 20.63
CA THR B 123 -26.88 -7.85 20.53
C THR B 123 -25.64 -8.64 20.27
N GLN B 124 -25.46 -9.72 21.00
CA GLN B 124 -24.31 -10.59 20.82
C GLN B 124 -24.76 -12.04 20.62
N PRO B 125 -25.09 -12.47 19.38
CA PRO B 125 -25.64 -13.77 19.02
C PRO B 125 -24.73 -14.92 19.40
N ASP B 126 -23.46 -14.61 19.61
CA ASP B 126 -22.50 -15.60 20.00
C ASP B 126 -22.49 -16.78 19.01
N VAL B 127 -22.63 -18.01 19.50
CA VAL B 127 -22.58 -19.20 18.66
C VAL B 127 -23.60 -19.26 17.55
N ALA B 128 -24.66 -18.47 17.63
CA ALA B 128 -25.64 -18.47 16.57
C ALA B 128 -25.07 -18.00 15.25
N THR B 129 -24.13 -17.06 15.30
CA THR B 129 -23.58 -16.55 14.07
C THR B 129 -22.09 -16.80 13.92
N CYS B 130 -21.41 -17.18 14.99
CA CYS B 130 -19.95 -17.33 14.93
C CYS B 130 -19.45 -18.66 14.37
N ARG B 131 -20.37 -19.47 13.93
CA ARG B 131 -20.14 -20.76 13.30
C ARG B 131 -19.65 -20.58 11.86
N PHE B 132 -19.08 -21.62 11.26
CA PHE B 132 -18.66 -21.55 9.86
C PHE B 132 -19.74 -21.73 8.80
N TYR B 133 -19.61 -20.99 7.71
CA TYR B 133 -20.47 -21.10 6.53
C TYR B 133 -19.63 -21.37 5.29
N THR B 134 -20.15 -22.16 4.39
CA THR B 134 -19.43 -22.46 3.16
C THR B 134 -20.00 -21.78 1.94
N LEU B 135 -19.13 -21.12 1.20
CA LEU B 135 -19.47 -20.38 0.02
C LEU B 135 -19.44 -21.32 -1.18
N GLU B 136 -20.10 -20.94 -2.25
CA GLU B 136 -20.13 -21.75 -3.46
C GLU B 136 -18.73 -22.04 -3.98
N SER B 137 -18.45 -23.30 -4.27
CA SER B 137 -17.14 -23.73 -4.77
C SER B 137 -16.97 -23.40 -6.24
N VAL B 138 -15.72 -23.29 -6.66
CA VAL B 138 -15.45 -23.02 -8.05
C VAL B 138 -14.48 -24.06 -8.57
N MET B 139 -14.43 -24.23 -9.88
CA MET B 139 -13.46 -25.17 -10.42
C MET B 139 -12.23 -24.45 -10.88
N TRP B 140 -11.07 -25.02 -10.62
CA TRP B 140 -9.85 -24.41 -11.05
C TRP B 140 -9.42 -24.99 -12.36
N GLN B 141 -9.45 -24.17 -13.38
CA GLN B 141 -9.03 -24.56 -14.70
C GLN B 141 -7.60 -24.16 -14.84
N GLN B 142 -6.88 -24.84 -15.72
CA GLN B 142 -5.48 -24.50 -16.03
C GLN B 142 -5.35 -23.14 -16.67
N SER B 143 -6.46 -22.63 -17.16
CA SER B 143 -6.55 -21.34 -17.79
C SER B 143 -7.28 -20.29 -16.94
N SER B 144 -7.64 -20.60 -15.69
CA SER B 144 -8.41 -19.64 -14.92
C SER B 144 -7.61 -18.42 -14.49
N PRO B 145 -8.13 -17.21 -14.65
CA PRO B 145 -7.58 -15.96 -14.19
C PRO B 145 -7.77 -15.66 -12.70
N GLY B 146 -8.63 -16.40 -11.99
CA GLY B 146 -8.85 -16.04 -10.58
C GLY B 146 -10.29 -15.66 -10.21
N TRP B 147 -10.53 -15.57 -8.89
CA TRP B 147 -11.86 -15.30 -8.34
C TRP B 147 -11.92 -14.31 -7.18
N TRP B 148 -13.06 -13.64 -6.96
CA TRP B 148 -13.16 -12.85 -5.72
C TRP B 148 -14.56 -12.77 -5.10
N TRP B 149 -14.57 -12.49 -3.78
CA TRP B 149 -15.80 -12.26 -3.00
C TRP B 149 -15.72 -11.06 -2.06
N LYS B 150 -16.84 -10.37 -1.87
CA LYS B 150 -16.88 -9.27 -0.89
C LYS B 150 -17.60 -9.78 0.32
N PHE B 151 -17.05 -9.58 1.52
CA PHE B 151 -17.66 -10.29 2.65
C PHE B 151 -18.99 -9.91 3.24
N PRO B 152 -19.26 -8.73 3.74
CA PRO B 152 -20.59 -8.42 4.22
C PRO B 152 -21.63 -8.81 3.18
N ASP B 153 -21.35 -8.59 1.88
CA ASP B 153 -22.31 -9.06 0.90
C ASP B 153 -22.35 -10.58 0.76
N ALA B 154 -21.19 -11.24 0.81
CA ALA B 154 -21.14 -12.68 0.63
C ALA B 154 -21.96 -13.43 1.64
N LEU B 155 -22.01 -12.93 2.85
CA LEU B 155 -22.71 -13.61 3.90
C LEU B 155 -24.11 -13.09 4.18
N SER B 156 -24.66 -12.24 3.31
CA SER B 156 -25.96 -11.63 3.60
C SER B 156 -27.12 -12.59 3.73
N ASN B 157 -27.03 -13.78 3.13
CA ASN B 157 -28.07 -14.78 3.24
C ASN B 157 -27.64 -15.97 4.08
N MET B 158 -26.54 -15.83 4.80
CA MET B 158 -26.05 -16.94 5.57
C MET B 158 -26.67 -17.13 6.93
N GLY B 159 -27.84 -17.71 6.90
CA GLY B 159 -28.56 -18.06 8.10
C GLY B 159 -28.83 -16.88 8.99
N LEU B 160 -28.47 -17.03 10.26
CA LEU B 160 -28.70 -15.98 11.22
C LEU B 160 -27.69 -14.88 11.13
N PHE B 161 -26.54 -15.09 10.50
CA PHE B 161 -25.62 -13.98 10.37
C PHE B 161 -26.35 -13.03 9.47
N GLY B 162 -26.89 -13.62 8.40
CA GLY B 162 -27.65 -12.90 7.42
C GLY B 162 -28.81 -12.17 8.10
N GLN B 163 -29.62 -12.89 8.87
CA GLN B 163 -30.75 -12.20 9.46
C GLN B 163 -30.32 -11.10 10.42
N ASN B 164 -29.26 -11.28 11.17
CA ASN B 164 -28.94 -10.20 12.06
C ASN B 164 -28.48 -8.97 11.31
N MET B 165 -27.85 -9.11 10.15
CA MET B 165 -27.52 -7.87 9.47
C MET B 165 -28.75 -7.29 8.78
N GLN B 166 -29.69 -8.14 8.36
CA GLN B 166 -30.89 -7.65 7.69
C GLN B 166 -31.76 -6.83 8.63
N TYR B 167 -31.69 -7.13 9.92
CA TYR B 167 -32.45 -6.43 10.96
C TYR B 167 -31.72 -5.34 11.73
N HIS B 168 -30.49 -4.96 11.33
CA HIS B 168 -29.81 -3.91 12.10
C HIS B 168 -29.14 -2.82 11.27
N TYR B 169 -29.16 -1.61 11.79
CA TYR B 169 -28.45 -0.51 11.16
C TYR B 169 -26.95 -0.65 11.25
N LEU B 170 -26.44 -1.00 12.42
CA LEU B 170 -25.01 -1.13 12.58
C LEU B 170 -24.60 -2.53 12.96
N GLY B 171 -23.40 -2.90 12.56
CA GLY B 171 -22.87 -4.16 13.03
C GLY B 171 -21.38 -4.24 12.84
N ARG B 172 -20.81 -5.20 13.52
CA ARG B 172 -19.37 -5.42 13.50
C ARG B 172 -19.04 -6.88 13.66
N ALA B 173 -18.06 -7.38 12.91
CA ALA B 173 -17.60 -8.74 13.14
C ALA B 173 -16.21 -8.93 12.55
N GLY B 174 -15.43 -9.84 13.12
CA GLY B 174 -14.16 -10.24 12.49
C GLY B 174 -14.47 -11.49 11.69
N TYR B 175 -13.52 -11.99 10.91
CA TYR B 175 -13.78 -13.21 10.15
C TYR B 175 -12.62 -14.21 10.12
N THR B 176 -12.94 -15.49 10.14
CA THR B 176 -11.94 -16.52 9.93
C THR B 176 -12.17 -17.07 8.55
N LEU B 177 -11.14 -17.00 7.72
CA LEU B 177 -11.26 -17.42 6.33
C LEU B 177 -10.40 -18.63 6.07
N HIS B 178 -11.02 -19.75 5.72
CA HIS B 178 -10.26 -20.95 5.48
C HIS B 178 -10.48 -21.38 4.04
N VAL B 179 -9.40 -21.38 3.28
CA VAL B 179 -9.48 -21.67 1.86
C VAL B 179 -8.88 -23.01 1.55
N GLN B 180 -9.65 -23.86 0.90
CA GLN B 180 -9.20 -25.20 0.64
C GLN B 180 -9.11 -25.60 -0.82
N CYS B 181 -8.06 -26.35 -1.16
CA CYS B 181 -7.91 -26.92 -2.47
C CYS B 181 -6.95 -28.08 -2.47
N ASN B 182 -7.47 -29.29 -2.47
CA ASN B 182 -6.62 -30.45 -2.45
C ASN B 182 -6.32 -30.93 -3.83
N ALA B 183 -5.21 -31.60 -3.99
CA ALA B 183 -4.87 -32.22 -5.25
C ALA B 183 -3.85 -33.30 -5.02
N SER B 184 -3.69 -34.18 -5.97
CA SER B 184 -2.65 -35.19 -5.90
C SER B 184 -1.28 -34.59 -5.93
N LYS B 185 -0.33 -35.36 -5.43
CA LYS B 185 1.07 -34.99 -5.38
C LYS B 185 1.61 -34.72 -6.77
N PHE B 186 0.97 -35.31 -7.76
CA PHE B 186 1.35 -35.18 -9.15
C PHE B 186 0.80 -33.93 -9.83
N HIS B 187 -0.01 -33.13 -9.13
CA HIS B 187 -0.53 -31.91 -9.71
C HIS B 187 0.34 -30.76 -9.27
N GLN B 188 0.43 -29.74 -10.09
CA GLN B 188 1.21 -28.58 -9.69
C GLN B 188 0.48 -27.29 -9.99
N GLY B 189 0.81 -26.27 -9.23
CA GLY B 189 0.24 -24.94 -9.38
C GLY B 189 0.28 -24.24 -8.04
N CYS B 190 -0.05 -22.94 -8.01
CA CYS B 190 0.00 -22.16 -6.78
C CYS B 190 -0.83 -20.89 -6.81
N LEU B 191 -1.62 -20.69 -5.76
CA LEU B 191 -2.47 -19.53 -5.68
C LEU B 191 -2.22 -18.67 -4.46
N LEU B 192 -2.43 -17.39 -4.64
CA LEU B 192 -2.38 -16.45 -3.54
C LEU B 192 -3.73 -16.29 -2.93
N VAL B 193 -3.81 -16.43 -1.61
CA VAL B 193 -5.04 -16.22 -0.91
C VAL B 193 -4.88 -14.92 -0.14
N VAL B 194 -5.57 -13.86 -0.56
CA VAL B 194 -5.36 -12.58 0.11
C VAL B 194 -6.62 -11.88 0.51
N CYS B 195 -6.62 -11.29 1.70
CA CYS B 195 -7.78 -10.53 2.12
C CYS B 195 -7.44 -9.06 2.08
N VAL B 196 -8.17 -8.30 1.26
CA VAL B 196 -7.87 -6.89 1.09
C VAL B 196 -8.96 -5.93 1.55
N PRO B 197 -8.70 -5.06 2.53
CA PRO B 197 -9.61 -4.09 3.05
C PRO B 197 -9.86 -2.99 2.05
N GLU B 198 -11.05 -2.43 2.08
CA GLU B 198 -11.41 -1.31 1.22
C GLU B 198 -11.02 -1.55 -0.22
N ALA B 199 -11.33 -2.71 -0.75
CA ALA B 199 -10.93 -3.04 -2.12
C ALA B 199 -11.89 -2.44 -3.14
N GLU B 200 -11.88 -1.12 -3.20
CA GLU B 200 -12.73 -0.36 -4.09
C GLU B 200 -12.37 -0.69 -5.52
N MET B 201 -13.36 -0.95 -6.35
CA MET B 201 -13.12 -1.35 -7.73
C MET B 201 -13.23 -0.28 -8.79
N GLY B 202 -12.33 -0.33 -9.76
CA GLY B 202 -12.39 0.59 -10.87
C GLY B 202 -13.30 0.04 -11.96
N CYS B 203 -13.91 0.91 -12.75
CA CYS B 203 -14.79 0.53 -13.84
C CYS B 203 -14.03 0.39 -15.14
N ALA B 204 -14.42 -0.60 -15.94
CA ALA B 204 -13.83 -0.87 -17.26
C ALA B 204 -14.02 0.30 -18.20
N THR B 205 -15.14 0.97 -18.09
CA THR B 205 -15.39 2.14 -18.89
C THR B 205 -14.91 3.27 -18.02
N ILE B 206 -14.06 4.13 -18.52
CA ILE B 206 -13.54 5.11 -17.60
C ILE B 206 -14.56 6.10 -17.11
N ALA B 207 -15.40 6.63 -17.97
CA ALA B 207 -16.39 7.58 -17.47
C ALA B 207 -17.65 6.88 -16.97
N ASN B 208 -17.51 6.01 -15.98
CA ASN B 208 -18.68 5.29 -15.45
C ASN B 208 -18.42 4.67 -14.06
N LYS B 209 -19.43 4.00 -13.51
CA LYS B 209 -19.28 3.30 -12.24
C LYS B 209 -19.73 1.86 -12.48
N PRO B 210 -19.18 0.87 -11.76
CA PRO B 210 -19.54 -0.53 -11.89
C PRO B 210 -20.92 -0.87 -11.34
N ASP B 211 -21.55 -1.91 -11.92
CA ASP B 211 -22.83 -2.40 -11.44
C ASP B 211 -22.72 -3.20 -10.17
N GLN B 212 -23.81 -3.29 -9.45
CA GLN B 212 -23.82 -4.00 -8.18
C GLN B 212 -23.48 -5.47 -8.36
N LYS B 213 -24.00 -6.06 -9.43
CA LYS B 213 -23.79 -7.48 -9.72
C LYS B 213 -22.41 -7.73 -10.29
N SER B 214 -21.73 -6.68 -10.70
CA SER B 214 -20.42 -6.90 -11.26
C SER B 214 -19.43 -6.91 -10.11
N LEU B 215 -19.83 -6.28 -9.00
CA LEU B 215 -19.01 -6.20 -7.80
C LEU B 215 -19.22 -7.39 -6.86
N SER B 216 -20.47 -7.85 -6.68
CA SER B 216 -20.75 -8.99 -5.80
C SER B 216 -21.97 -9.79 -6.13
N ASN B 217 -21.84 -11.11 -6.04
CA ASN B 217 -22.93 -12.02 -6.26
C ASN B 217 -23.19 -12.93 -5.08
N GLY B 218 -23.04 -12.36 -3.89
CA GLY B 218 -23.27 -13.13 -2.68
C GLY B 218 -22.21 -14.22 -2.60
N GLU B 219 -22.61 -15.47 -2.44
CA GLU B 219 -21.61 -16.52 -2.36
C GLU B 219 -21.01 -16.92 -3.70
N THR B 220 -21.59 -16.43 -4.81
CA THR B 220 -21.02 -16.80 -6.10
C THR B 220 -19.84 -15.90 -6.32
N ALA B 221 -18.71 -16.50 -6.67
CA ALA B 221 -17.51 -15.72 -6.91
C ALA B 221 -17.57 -14.93 -8.17
N ASN B 222 -16.95 -13.77 -8.17
CA ASN B 222 -16.82 -13.08 -9.41
C ASN B 222 -15.53 -13.53 -10.01
N VAL B 223 -15.43 -13.44 -11.31
CA VAL B 223 -14.24 -13.90 -11.98
C VAL B 223 -13.42 -12.80 -12.61
N PHE B 224 -12.12 -12.88 -12.40
CA PHE B 224 -11.17 -11.94 -12.97
C PHE B 224 -10.96 -12.22 -14.42
N ASP B 225 -10.60 -11.21 -15.19
CA ASP B 225 -10.33 -11.46 -16.59
C ASP B 225 -8.87 -11.64 -16.91
N SER B 226 -8.61 -12.48 -17.89
CA SER B 226 -7.25 -12.66 -18.33
C SER B 226 -6.75 -11.48 -19.15
N GLN B 227 -7.67 -10.78 -19.79
CA GLN B 227 -7.35 -9.64 -20.62
C GLN B 227 -8.12 -8.42 -20.20
N ASN B 228 -7.88 -7.31 -20.86
CA ASN B 228 -8.62 -6.11 -20.53
C ASN B 228 -10.08 -6.37 -20.83
N THR B 229 -10.97 -6.03 -19.91
CA THR B 229 -12.38 -6.22 -20.19
C THR B 229 -13.07 -4.95 -20.53
N SER B 230 -14.36 -5.06 -20.82
CA SER B 230 -15.14 -3.91 -21.25
C SER B 230 -16.60 -3.97 -20.86
N GLY B 231 -17.26 -2.82 -21.01
CA GLY B 231 -18.68 -2.64 -20.73
C GLY B 231 -18.90 -1.44 -19.83
N GLN B 232 -20.03 -0.78 -20.01
CA GLN B 232 -20.34 0.46 -19.31
C GLN B 232 -20.41 0.34 -17.81
N THR B 233 -20.81 -0.80 -17.30
CA THR B 233 -20.90 -0.97 -15.87
C THR B 233 -20.03 -2.15 -15.44
N ALA B 234 -19.10 -2.53 -16.30
CA ALA B 234 -18.22 -3.64 -16.03
C ALA B 234 -17.09 -3.22 -15.12
N VAL B 235 -16.58 -4.16 -14.35
CA VAL B 235 -15.41 -3.95 -13.50
C VAL B 235 -14.18 -4.18 -14.32
N GLN B 236 -13.17 -3.34 -14.19
CA GLN B 236 -12.00 -3.64 -14.97
C GLN B 236 -11.27 -4.74 -14.28
N ALA B 237 -11.65 -5.92 -14.65
CA ALA B 237 -11.25 -7.15 -14.02
C ALA B 237 -9.94 -7.70 -14.49
N ASN B 238 -9.22 -7.05 -15.38
CA ASN B 238 -7.96 -7.67 -15.76
C ASN B 238 -7.13 -7.96 -14.53
N VAL B 239 -6.73 -9.22 -14.40
CA VAL B 239 -5.99 -9.71 -13.24
C VAL B 239 -4.78 -8.93 -12.91
N ILE B 240 -4.02 -8.51 -13.89
CA ILE B 240 -2.75 -7.91 -13.56
C ILE B 240 -2.87 -6.64 -12.75
N ASN B 241 -4.04 -6.00 -12.75
CA ASN B 241 -4.18 -4.80 -11.98
C ASN B 241 -5.02 -4.99 -10.74
N ALA B 242 -5.36 -6.25 -10.44
CA ALA B 242 -6.14 -6.70 -9.31
C ALA B 242 -7.50 -6.02 -9.18
N GLY B 243 -7.99 -5.45 -10.26
CA GLY B 243 -9.28 -4.78 -10.25
C GLY B 243 -9.20 -3.35 -9.69
N MET B 244 -8.01 -2.91 -9.27
CA MET B 244 -7.92 -1.59 -8.68
C MET B 244 -6.76 -0.71 -9.17
N GLY B 245 -6.00 -1.14 -10.18
CA GLY B 245 -4.96 -0.30 -10.75
C GLY B 245 -3.59 -0.40 -10.10
N ILE B 246 -3.34 -1.49 -9.40
CA ILE B 246 -2.09 -1.73 -8.68
C ILE B 246 -1.46 -2.96 -9.22
N GLY B 247 -0.19 -3.21 -8.97
CA GLY B 247 0.29 -4.47 -9.49
C GLY B 247 -0.26 -5.59 -8.66
N VAL B 248 -0.63 -6.68 -9.31
CA VAL B 248 -1.10 -7.85 -8.60
C VAL B 248 -0.02 -8.45 -7.74
N GLY B 249 1.22 -8.29 -8.16
CA GLY B 249 2.33 -8.85 -7.42
C GLY B 249 2.60 -8.16 -6.08
N ASN B 250 1.98 -6.99 -5.87
CA ASN B 250 2.20 -6.27 -4.64
C ASN B 250 1.07 -6.48 -3.64
N LEU B 251 0.15 -7.40 -3.93
CA LEU B 251 -0.96 -7.62 -3.00
C LEU B 251 -0.56 -8.26 -1.70
N THR B 252 0.67 -8.73 -1.64
CA THR B 252 1.24 -9.40 -0.50
C THR B 252 1.36 -8.50 0.72
N ILE B 253 1.14 -7.20 0.55
CA ILE B 253 1.12 -6.34 1.72
C ILE B 253 0.01 -6.76 2.66
N PHE B 254 -1.13 -7.10 2.08
CA PHE B 254 -2.31 -7.41 2.84
C PHE B 254 -2.16 -8.79 3.43
N PRO B 255 -2.85 -9.13 4.53
CA PRO B 255 -2.73 -10.43 5.12
C PRO B 255 -3.00 -11.46 4.05
N HIS B 256 -2.09 -12.41 3.93
CA HIS B 256 -2.23 -13.39 2.89
C HIS B 256 -1.51 -14.65 3.23
N GLN B 257 -1.85 -15.66 2.48
CA GLN B 257 -1.22 -16.94 2.61
C GLN B 257 -1.26 -17.64 1.26
N TRP B 258 -0.36 -18.59 0.99
CA TRP B 258 -0.43 -19.24 -0.32
C TRP B 258 -0.79 -20.70 -0.24
N ILE B 259 -1.48 -21.16 -1.27
CA ILE B 259 -1.70 -22.59 -1.43
C ILE B 259 -0.94 -23.07 -2.61
N ASN B 260 0.14 -23.74 -2.30
CA ASN B 260 1.08 -24.31 -3.22
C ASN B 260 0.77 -25.77 -3.17
N LEU B 261 0.36 -26.34 -4.27
CA LEU B 261 -0.12 -27.70 -4.19
C LEU B 261 0.95 -28.69 -3.69
N ARG B 262 2.23 -28.36 -3.81
CA ARG B 262 3.21 -29.34 -3.33
C ARG B 262 3.48 -29.17 -1.84
N THR B 263 2.91 -28.15 -1.22
CA THR B 263 3.17 -27.83 0.18
C THR B 263 1.98 -28.05 1.09
N ASN B 264 0.80 -27.63 0.66
CA ASN B 264 -0.34 -27.76 1.56
C ASN B 264 -1.68 -27.89 0.82
N ASN B 265 -2.75 -28.18 1.56
CA ASN B 265 -4.08 -28.20 0.97
C ASN B 265 -4.92 -27.03 1.38
N SER B 266 -4.55 -26.36 2.48
CA SER B 266 -5.34 -25.21 2.86
C SER B 266 -4.57 -24.12 3.56
N ALA B 267 -5.18 -22.95 3.54
CA ALA B 267 -4.65 -21.74 4.12
C ALA B 267 -5.67 -21.06 5.01
N THR B 268 -5.21 -20.48 6.11
CA THR B 268 -6.12 -19.83 7.04
C THR B 268 -5.69 -18.42 7.37
N ILE B 269 -6.63 -17.48 7.20
CA ILE B 269 -6.42 -16.09 7.52
C ILE B 269 -7.45 -15.60 8.52
N VAL B 270 -7.00 -14.95 9.57
CA VAL B 270 -7.88 -14.36 10.54
C VAL B 270 -7.88 -12.87 10.29
N MET B 271 -9.04 -12.31 10.03
CA MET B 271 -9.18 -10.91 9.72
C MET B 271 -10.02 -10.15 10.75
N PRO B 272 -9.46 -9.25 11.56
CA PRO B 272 -10.17 -8.48 12.55
C PRO B 272 -10.96 -7.43 11.82
N TYR B 273 -11.96 -6.86 12.44
CA TYR B 273 -12.64 -5.74 11.82
C TYR B 273 -11.73 -4.55 11.66
N VAL B 274 -11.67 -3.97 10.45
CA VAL B 274 -10.86 -2.78 10.25
C VAL B 274 -11.62 -1.64 9.63
N ASN B 275 -11.71 -0.51 10.30
CA ASN B 275 -12.42 0.61 9.70
C ASN B 275 -12.01 1.93 10.31
N SER B 276 -12.60 3.01 9.81
CA SER B 276 -12.42 4.36 10.33
C SER B 276 -13.39 4.63 11.47
N VAL B 277 -14.35 3.72 11.62
CA VAL B 277 -15.38 3.79 12.63
C VAL B 277 -15.54 2.48 13.39
N PRO B 278 -15.91 2.51 14.67
CA PRO B 278 -16.19 1.34 15.47
C PRO B 278 -17.19 0.33 14.90
N MET B 279 -18.23 0.78 14.22
CA MET B 279 -19.25 -0.12 13.67
C MET B 279 -19.75 0.47 12.39
N ASP B 280 -20.34 -0.33 11.50
CA ASP B 280 -20.84 0.31 10.30
C ASP B 280 -22.06 -0.39 9.73
N ASN B 281 -22.59 0.14 8.63
CA ASN B 281 -23.72 -0.47 7.97
C ASN B 281 -23.26 -1.58 7.07
N MET B 282 -23.76 -2.76 7.33
CA MET B 282 -23.28 -3.94 6.65
C MET B 282 -23.80 -4.14 5.26
N PHE B 283 -24.65 -3.26 4.76
CA PHE B 283 -25.07 -3.38 3.38
C PHE B 283 -24.40 -2.32 2.54
N ARG B 284 -24.15 -1.15 3.09
CA ARG B 284 -23.53 -0.13 2.27
C ARG B 284 -22.05 -0.32 2.11
N HIS B 285 -21.40 -1.00 3.05
CA HIS B 285 -19.97 -1.11 2.93
C HIS B 285 -19.40 -2.51 3.11
N ASN B 286 -18.47 -2.85 2.22
CA ASN B 286 -17.76 -4.11 2.28
C ASN B 286 -16.39 -3.96 2.92
N ASN B 287 -16.24 -4.47 4.14
CA ASN B 287 -15.01 -4.24 4.86
C ASN B 287 -13.79 -4.78 4.12
N PHE B 288 -13.89 -5.95 3.50
CA PHE B 288 -12.77 -6.50 2.74
C PHE B 288 -13.26 -7.45 1.66
N THR B 289 -12.38 -7.70 0.70
CA THR B 289 -12.56 -8.62 -0.40
C THR B 289 -11.55 -9.76 -0.37
N LEU B 290 -12.01 -10.96 -0.60
CA LEU B 290 -11.10 -12.10 -0.67
C LEU B 290 -10.79 -12.38 -2.10
N MET B 291 -9.51 -12.43 -2.41
CA MET B 291 -9.13 -12.74 -3.76
C MET B 291 -8.29 -13.99 -3.81
N ILE B 292 -8.61 -14.84 -4.77
CA ILE B 292 -7.86 -16.06 -5.01
C ILE B 292 -7.22 -15.96 -6.37
N ILE B 293 -5.89 -15.86 -6.39
CA ILE B 293 -5.19 -15.65 -7.65
C ILE B 293 -4.14 -16.70 -7.98
N PRO B 294 -4.30 -17.48 -9.06
CA PRO B 294 -3.39 -18.48 -9.50
C PRO B 294 -2.17 -17.86 -10.16
N PHE B 295 -1.07 -17.75 -9.44
CA PHE B 295 0.14 -17.17 -10.00
C PHE B 295 0.81 -18.20 -10.88
N ALA B 296 0.70 -19.44 -10.47
CA ALA B 296 1.22 -20.59 -11.17
C ALA B 296 -0.01 -21.43 -11.53
N PRO B 297 -0.39 -21.56 -12.81
CA PRO B 297 -1.60 -22.20 -13.24
C PRO B 297 -1.55 -23.65 -12.96
N LEU B 298 -2.71 -24.24 -12.84
CA LEU B 298 -2.81 -25.67 -12.61
C LEU B 298 -2.29 -26.43 -13.81
N SER B 299 -1.47 -27.41 -13.54
CA SER B 299 -0.93 -28.25 -14.58
C SER B 299 -0.79 -29.68 -14.15
N TYR B 300 -1.10 -30.57 -15.06
CA TYR B 300 -1.06 -31.99 -14.80
C TYR B 300 -0.87 -32.80 -16.06
N SER B 301 -0.47 -34.06 -15.88
CA SER B 301 -0.30 -35.01 -16.94
C SER B 301 -1.61 -35.65 -17.34
N THR B 302 -1.67 -36.28 -18.49
CA THR B 302 -2.93 -36.87 -18.85
C THR B 302 -3.19 -38.10 -18.02
N GLY B 303 -4.46 -38.32 -17.74
CA GLY B 303 -4.91 -39.46 -16.98
C GLY B 303 -5.11 -39.06 -15.52
N ALA B 304 -4.58 -37.92 -15.16
CA ALA B 304 -4.71 -37.40 -13.82
C ALA B 304 -6.05 -36.77 -13.71
N THR B 305 -6.53 -36.60 -12.50
CA THR B 305 -7.80 -35.96 -12.29
C THR B 305 -7.85 -34.56 -12.87
N THR B 306 -8.92 -34.31 -13.62
CA THR B 306 -9.14 -33.02 -14.27
C THR B 306 -10.04 -32.07 -13.48
N TYR B 307 -10.77 -32.57 -12.50
CA TYR B 307 -11.65 -31.71 -11.73
C TYR B 307 -11.06 -31.40 -10.38
N VAL B 308 -10.49 -30.21 -10.26
CA VAL B 308 -9.85 -29.78 -9.03
C VAL B 308 -10.52 -28.51 -8.53
N PRO B 309 -11.44 -28.59 -7.57
CA PRO B 309 -12.19 -27.50 -7.00
C PRO B 309 -11.40 -26.70 -5.99
N ILE B 310 -11.85 -25.48 -5.79
CA ILE B 310 -11.42 -24.61 -4.71
C ILE B 310 -12.66 -24.26 -3.91
N THR B 311 -12.60 -24.44 -2.59
CA THR B 311 -13.75 -24.15 -1.76
C THR B 311 -13.41 -23.22 -0.60
N VAL B 312 -14.33 -22.32 -0.27
CA VAL B 312 -14.08 -21.36 0.79
C VAL B 312 -15.09 -21.41 1.92
N THR B 313 -14.58 -21.53 3.14
CA THR B 313 -15.42 -21.56 4.33
C THR B 313 -15.04 -20.45 5.32
N VAL B 314 -16.03 -19.70 5.76
CA VAL B 314 -15.83 -18.55 6.62
C VAL B 314 -16.70 -18.44 7.86
N ALA B 315 -16.13 -17.97 8.95
CA ALA B 315 -16.92 -17.74 10.15
C ALA B 315 -16.72 -16.35 10.74
N PRO B 316 -17.76 -15.59 11.02
CA PRO B 316 -17.73 -14.31 11.72
C PRO B 316 -17.29 -14.52 13.15
N MET B 317 -16.62 -13.54 13.76
CA MET B 317 -16.30 -13.64 15.19
C MET B 317 -16.64 -12.41 15.96
N CYS B 318 -17.08 -12.61 17.19
CA CYS B 318 -17.43 -11.53 18.10
C CYS B 318 -18.43 -10.61 17.46
N ALA B 319 -19.40 -11.16 16.77
CA ALA B 319 -20.34 -10.29 16.12
C ALA B 319 -21.11 -9.47 17.10
N GLU B 320 -21.33 -8.21 16.74
CA GLU B 320 -22.15 -7.31 17.53
C GLU B 320 -23.10 -6.55 16.65
N TYR B 321 -24.31 -6.35 17.14
CA TYR B 321 -25.26 -5.56 16.38
C TYR B 321 -25.93 -4.48 17.21
N ASN B 322 -26.19 -3.35 16.57
CA ASN B 322 -26.86 -2.20 17.18
C ASN B 322 -27.87 -1.57 16.26
N GLY B 323 -28.86 -0.89 16.83
CA GLY B 323 -29.79 -0.25 15.93
C GLY B 323 -30.84 -1.21 15.37
N LEU B 324 -31.50 -1.96 16.24
CA LEU B 324 -32.52 -2.90 15.79
C LEU B 324 -33.62 -2.12 15.10
N ARG B 325 -34.02 -2.60 13.93
CA ARG B 325 -35.00 -1.91 13.11
C ARG B 325 -35.80 -2.78 12.20
N LEU B 326 -36.72 -2.17 11.50
CA LEU B 326 -37.45 -2.86 10.48
C LEU B 326 -36.44 -3.40 9.51
N ALA B 327 -36.54 -4.68 9.18
CA ALA B 327 -35.59 -5.32 8.31
C ALA B 327 -35.57 -4.75 6.90
N GLY B 328 -34.36 -4.74 6.29
CA GLY B 328 -34.08 -4.29 4.94
C GLY B 328 -34.21 -5.46 3.98
N GLY C 331 9.25 49.11 21.58
CA GLY C 331 9.33 47.70 21.28
C GLY C 331 10.80 47.28 21.20
N LEU C 332 11.05 45.96 21.17
CA LEU C 332 12.40 45.35 21.10
C LEU C 332 13.07 45.58 19.76
N PRO C 333 14.26 46.16 19.68
CA PRO C 333 14.98 46.29 18.43
C PRO C 333 15.32 44.93 17.86
N THR C 334 15.04 44.75 16.58
CA THR C 334 15.33 43.54 15.85
C THR C 334 15.89 43.83 14.47
N MET C 335 16.50 42.83 13.89
CA MET C 335 16.99 42.95 12.52
C MET C 335 16.58 41.75 11.70
N LEU C 336 16.10 41.96 10.49
CA LEU C 336 15.78 40.80 9.67
C LEU C 336 16.96 40.31 8.89
N THR C 337 17.13 38.99 8.92
CA THR C 337 18.20 38.26 8.24
C THR C 337 17.74 37.97 6.82
N PRO C 338 18.62 37.49 5.95
CA PRO C 338 18.27 36.95 4.66
C PRO C 338 17.35 35.81 4.92
N GLY C 339 16.52 35.49 3.95
CA GLY C 339 15.56 34.43 4.05
C GLY C 339 14.23 34.87 4.65
N SER C 340 14.06 36.16 4.91
CA SER C 340 12.79 36.56 5.48
C SER C 340 11.70 36.48 4.43
N ASN C 341 10.48 36.21 4.89
CA ASN C 341 9.31 36.20 4.04
C ASN C 341 9.45 35.28 2.84
N GLN C 342 9.99 34.09 3.03
CA GLN C 342 10.13 33.16 1.93
C GLN C 342 9.31 31.95 2.23
N PHE C 343 8.85 31.28 1.21
CA PHE C 343 8.11 30.06 1.40
C PHE C 343 8.82 28.81 0.99
N LEU C 344 9.20 28.07 1.99
CA LEU C 344 9.90 26.82 1.81
C LEU C 344 8.92 25.70 1.97
N THR C 345 8.91 24.77 1.02
CA THR C 345 7.99 23.65 1.03
C THR C 345 8.39 22.58 2.00
N SER C 346 9.59 22.70 2.54
CA SER C 346 10.14 21.76 3.48
C SER C 346 10.63 22.47 4.73
N ASP C 347 9.72 22.73 5.67
CA ASP C 347 10.07 23.48 6.86
C ASP C 347 9.22 23.09 8.07
N ASP C 348 9.53 23.73 9.22
CA ASP C 348 8.81 23.54 10.48
C ASP C 348 8.60 24.82 11.25
N PHE C 349 7.38 25.33 11.21
CA PHE C 349 7.02 26.54 11.90
C PHE C 349 5.68 26.35 12.53
N GLN C 350 5.37 27.18 13.50
CA GLN C 350 4.07 27.16 14.12
C GLN C 350 3.16 28.12 13.35
N SER C 351 1.86 27.94 13.47
CA SER C 351 0.93 28.87 12.82
C SER C 351 -0.43 28.91 13.53
N PRO C 352 -1.23 29.98 13.40
CA PRO C 352 -2.56 30.11 13.97
C PRO C 352 -3.53 29.09 13.43
N SER C 353 -4.41 28.61 14.31
CA SER C 353 -5.48 27.70 13.95
C SER C 353 -6.61 28.45 13.33
N ALA C 354 -7.21 27.88 12.30
CA ALA C 354 -8.40 28.47 11.69
C ALA C 354 -9.59 28.38 12.62
N MET C 355 -9.56 27.40 13.50
CA MET C 355 -10.66 27.12 14.38
C MET C 355 -10.16 26.96 15.80
N PRO C 356 -10.01 28.03 16.56
CA PRO C 356 -9.49 28.02 17.91
C PRO C 356 -10.32 27.11 18.78
N GLN C 357 -9.66 26.40 19.67
CA GLN C 357 -10.27 25.47 20.60
C GLN C 357 -11.12 24.46 19.89
N PHE C 358 -10.61 23.89 18.82
CA PHE C 358 -11.38 22.91 18.09
C PHE C 358 -11.28 21.54 18.70
N ASP C 359 -12.42 20.90 18.89
CA ASP C 359 -12.51 19.57 19.45
C ASP C 359 -12.32 18.51 18.37
N VAL C 360 -11.21 17.82 18.45
CA VAL C 360 -10.84 16.81 17.49
C VAL C 360 -11.38 15.45 17.90
N THR C 361 -12.04 14.78 16.97
CA THR C 361 -12.66 13.47 17.17
C THR C 361 -11.61 12.53 17.77
N PRO C 362 -11.90 11.76 18.86
CA PRO C 362 -10.99 10.85 19.56
C PRO C 362 -10.41 9.74 18.70
N GLU C 363 -9.27 9.23 19.10
CA GLU C 363 -8.61 8.13 18.39
C GLU C 363 -9.23 6.79 18.71
N MET C 364 -9.04 5.83 17.83
CA MET C 364 -9.45 4.46 18.06
C MET C 364 -8.30 3.57 17.61
N ALA C 365 -8.22 2.38 18.15
CA ALA C 365 -7.15 1.46 17.83
C ALA C 365 -7.30 0.73 16.51
N ILE C 366 -7.02 1.42 15.41
CA ILE C 366 -7.10 0.82 14.08
C ILE C 366 -5.87 -0.09 13.93
N PRO C 367 -6.01 -1.37 13.59
CA PRO C 367 -4.93 -2.31 13.39
C PRO C 367 -4.06 -1.90 12.23
N GLY C 368 -2.81 -2.33 12.21
CA GLY C 368 -1.97 -2.05 11.06
C GLY C 368 -1.24 -0.72 11.08
N GLN C 369 -1.02 -0.14 12.24
CA GLN C 369 -0.34 1.16 12.26
C GLN C 369 1.06 1.08 11.72
N VAL C 370 1.38 2.04 10.87
CA VAL C 370 2.69 2.13 10.24
C VAL C 370 3.41 3.34 10.79
N ASN C 371 4.57 3.13 11.36
CA ASN C 371 5.30 4.25 11.89
C ASN C 371 6.41 4.63 10.94
N ASN C 372 6.85 3.65 10.16
CA ASN C 372 7.97 3.85 9.28
C ASN C 372 7.83 3.07 8.00
N LEU C 373 8.30 3.62 6.89
CA LEU C 373 8.21 2.96 5.60
C LEU C 373 9.02 1.71 5.52
N MET C 374 10.00 1.53 6.39
CA MET C 374 10.77 0.31 6.33
C MET C 374 9.92 -0.84 6.80
N GLU C 375 8.84 -0.56 7.52
CA GLU C 375 7.96 -1.62 7.96
C GLU C 375 7.28 -2.19 6.72
N ILE C 376 7.27 -1.44 5.62
CA ILE C 376 6.68 -1.88 4.38
C ILE C 376 7.79 -2.47 3.53
N ALA C 377 8.94 -1.81 3.47
CA ALA C 377 10.06 -2.27 2.66
C ALA C 377 10.54 -3.67 3.06
N GLU C 378 10.37 -4.03 4.33
CA GLU C 378 10.76 -5.33 4.83
C GLU C 378 9.72 -6.42 4.53
N VAL C 379 8.56 -6.07 3.94
CA VAL C 379 7.52 -7.03 3.56
C VAL C 379 7.76 -7.42 2.12
N ASP C 380 7.81 -8.70 1.80
CA ASP C 380 8.10 -9.09 0.44
C ASP C 380 6.97 -8.99 -0.56
N SER C 381 7.36 -8.92 -1.82
CA SER C 381 6.42 -8.94 -2.94
C SER C 381 6.98 -9.78 -4.04
N VAL C 382 6.17 -10.12 -5.03
CA VAL C 382 6.67 -11.02 -6.06
C VAL C 382 7.24 -10.19 -7.20
N VAL C 383 8.42 -10.60 -7.61
CA VAL C 383 9.21 -9.93 -8.61
C VAL C 383 8.83 -10.31 -10.04
N PRO C 384 8.53 -9.37 -10.92
CA PRO C 384 8.18 -9.60 -12.30
C PRO C 384 9.46 -9.87 -13.04
N VAL C 385 9.99 -11.07 -12.87
CA VAL C 385 11.26 -11.47 -13.44
C VAL C 385 11.14 -11.72 -14.95
N ASN C 386 10.06 -12.35 -15.38
CA ASN C 386 9.95 -12.71 -16.77
C ASN C 386 9.37 -11.57 -17.53
N ASN C 387 10.26 -10.73 -17.94
CA ASN C 387 9.93 -9.48 -18.54
C ASN C 387 10.01 -9.53 -20.03
N THR C 388 9.80 -10.71 -20.57
CA THR C 388 9.73 -10.83 -22.01
C THR C 388 8.74 -9.76 -22.41
N GLU C 389 9.01 -9.03 -23.47
CA GLU C 389 8.14 -7.92 -23.81
C GLU C 389 6.68 -8.32 -23.98
N GLY C 390 6.43 -9.52 -24.48
CA GLY C 390 5.07 -9.97 -24.69
C GLY C 390 4.39 -10.53 -23.44
N LYS C 391 5.11 -10.58 -22.32
CA LYS C 391 4.57 -11.14 -21.10
C LYS C 391 4.33 -10.08 -20.03
N VAL C 392 4.59 -8.85 -20.34
CA VAL C 392 4.46 -7.77 -19.36
C VAL C 392 3.05 -7.57 -18.81
N MET C 393 2.06 -7.73 -19.67
CA MET C 393 0.68 -7.58 -19.20
C MET C 393 0.05 -8.90 -18.84
N SER C 394 0.86 -9.93 -18.62
CA SER C 394 0.34 -11.22 -18.22
C SER C 394 0.82 -11.59 -16.84
N ILE C 395 0.12 -12.52 -16.23
CA ILE C 395 0.51 -13.04 -14.92
C ILE C 395 1.84 -13.77 -15.01
N GLU C 396 2.18 -14.16 -16.24
CA GLU C 396 3.38 -14.89 -16.59
C GLU C 396 4.62 -14.10 -16.25
N ALA C 397 4.51 -12.79 -16.08
CA ALA C 397 5.65 -11.97 -15.75
C ALA C 397 6.27 -12.42 -14.44
N TYR C 398 5.48 -13.01 -13.57
CA TYR C 398 6.02 -13.36 -12.29
C TYR C 398 6.59 -14.75 -12.23
N GLN C 399 6.53 -15.48 -13.33
CA GLN C 399 6.99 -16.85 -13.32
C GLN C 399 8.38 -17.03 -13.92
N ILE C 400 9.22 -17.83 -13.28
CA ILE C 400 10.51 -18.16 -13.86
C ILE C 400 10.40 -19.57 -14.38
N PRO C 401 10.47 -19.82 -15.69
CA PRO C 401 10.33 -21.13 -16.24
C PRO C 401 11.54 -21.97 -16.01
N VAL C 402 11.33 -23.21 -15.63
CA VAL C 402 12.40 -24.17 -15.51
C VAL C 402 11.96 -25.48 -16.14
N GLN C 403 12.92 -26.31 -16.51
CA GLN C 403 12.52 -27.58 -17.09
C GLN C 403 13.58 -28.65 -17.00
N SER C 404 13.27 -29.83 -17.49
CA SER C 404 14.25 -30.89 -17.56
C SER C 404 15.20 -30.55 -18.69
N ASN C 405 16.49 -30.63 -18.43
CA ASN C 405 17.49 -30.30 -19.42
C ASN C 405 18.34 -31.47 -19.85
N SER C 406 18.73 -31.45 -21.13
CA SER C 406 19.64 -32.44 -21.69
C SER C 406 21.10 -32.12 -21.41
N THR C 407 21.35 -30.90 -20.94
CA THR C 407 22.71 -30.44 -20.66
C THR C 407 22.83 -29.90 -19.26
N ASN C 408 24.04 -29.91 -18.73
CA ASN C 408 24.29 -29.41 -17.40
C ASN C 408 24.72 -27.97 -17.40
N GLY C 409 24.43 -27.27 -16.30
CA GLY C 409 24.94 -25.92 -16.09
C GLY C 409 24.25 -24.85 -16.89
N SER C 410 23.03 -25.07 -17.32
CA SER C 410 22.41 -24.03 -18.10
C SER C 410 21.99 -22.92 -17.17
N GLN C 411 21.74 -21.76 -17.77
CA GLN C 411 21.35 -20.55 -17.01
C GLN C 411 19.83 -20.53 -16.83
N VAL C 412 19.36 -20.18 -15.64
CA VAL C 412 17.96 -20.09 -15.38
C VAL C 412 17.49 -18.66 -15.58
N PHE C 413 18.20 -17.72 -14.95
CA PHE C 413 17.84 -16.30 -15.03
C PHE C 413 18.98 -15.40 -14.66
N GLY C 414 18.79 -14.10 -14.88
CA GLY C 414 19.73 -13.13 -14.33
C GLY C 414 19.33 -11.68 -14.57
N PHE C 415 19.89 -10.82 -13.73
CA PHE C 415 19.70 -9.39 -13.82
C PHE C 415 20.75 -8.67 -12.96
N PRO C 416 21.08 -7.40 -13.24
CA PRO C 416 21.93 -6.55 -12.44
C PRO C 416 21.26 -6.10 -11.17
N LEU C 417 22.05 -5.83 -10.17
CA LEU C 417 21.50 -5.36 -8.91
C LEU C 417 21.29 -3.87 -8.83
N ILE C 418 20.21 -3.42 -9.46
CA ILE C 418 19.89 -2.01 -9.42
C ILE C 418 18.44 -1.80 -8.99
N PRO C 419 18.14 -1.86 -7.68
CA PRO C 419 16.82 -1.78 -7.10
C PRO C 419 15.98 -0.58 -7.51
N GLY C 420 16.61 0.54 -7.81
CA GLY C 420 15.84 1.71 -8.19
C GLY C 420 15.70 1.93 -9.68
N ALA C 421 16.15 1.00 -10.50
CA ALA C 421 16.08 1.25 -11.93
C ALA C 421 15.67 0.03 -12.69
N SER C 422 16.25 -1.11 -12.38
CA SER C 422 16.01 -2.27 -13.18
C SER C 422 14.56 -2.66 -13.25
N SER C 423 14.13 -3.09 -14.44
CA SER C 423 12.75 -3.51 -14.63
C SER C 423 12.38 -4.67 -13.75
N VAL C 424 13.35 -5.38 -13.26
CA VAL C 424 13.07 -6.50 -12.40
C VAL C 424 12.59 -6.00 -11.03
N LEU C 425 13.23 -4.99 -10.48
CA LEU C 425 12.93 -4.55 -9.12
C LEU C 425 12.23 -3.19 -8.96
N ASN C 426 12.25 -2.34 -9.98
CA ASN C 426 11.81 -0.96 -9.81
C ASN C 426 10.35 -0.77 -9.41
N ARG C 427 9.49 -1.73 -9.72
CA ARG C 427 8.07 -1.64 -9.37
C ARG C 427 7.63 -2.63 -8.29
N THR C 428 8.59 -3.27 -7.64
CA THR C 428 8.29 -4.19 -6.54
C THR C 428 8.13 -3.32 -5.34
N LEU C 429 7.69 -3.85 -4.21
CA LEU C 429 7.49 -2.91 -3.12
C LEU C 429 8.76 -2.22 -2.70
N LEU C 430 9.87 -2.93 -2.75
CA LEU C 430 11.11 -2.33 -2.36
C LEU C 430 11.44 -1.24 -3.35
N GLY C 431 11.24 -1.50 -4.64
CA GLY C 431 11.49 -0.48 -5.65
C GLY C 431 10.60 0.74 -5.48
N GLU C 432 9.31 0.52 -5.22
CA GLU C 432 8.38 1.62 -5.11
C GLU C 432 8.72 2.55 -3.98
N ILE C 433 9.21 2.02 -2.88
CA ILE C 433 9.62 2.90 -1.81
C ILE C 433 10.89 3.61 -2.19
N LEU C 434 11.86 2.88 -2.75
CA LEU C 434 13.13 3.48 -3.12
C LEU C 434 12.98 4.56 -4.16
N ASN C 435 11.95 4.49 -4.97
CA ASN C 435 11.77 5.49 -6.00
C ASN C 435 11.46 6.87 -5.42
N TYR C 436 11.21 6.96 -4.11
CA TYR C 436 10.98 8.23 -3.45
C TYR C 436 12.20 8.68 -2.70
N TYR C 437 13.32 7.98 -2.89
CA TYR C 437 14.58 8.33 -2.27
C TYR C 437 15.69 8.42 -3.30
N THR C 438 16.71 9.20 -3.02
CA THR C 438 17.79 9.31 -3.99
C THR C 438 18.92 8.34 -3.78
N HIS C 439 19.19 8.03 -2.53
CA HIS C 439 20.30 7.20 -2.08
C HIS C 439 19.75 6.09 -1.20
N TRP C 440 20.40 4.94 -1.20
CA TRP C 440 19.96 3.84 -0.33
C TRP C 440 21.07 2.93 0.13
N SER C 441 20.81 2.21 1.21
CA SER C 441 21.81 1.26 1.66
C SER C 441 21.27 0.15 2.48
N GLY C 442 21.86 -1.01 2.32
CA GLY C 442 21.48 -2.16 3.11
C GLY C 442 21.43 -3.44 2.33
N SER C 443 21.31 -4.52 3.06
CA SER C 443 21.27 -5.85 2.48
C SER C 443 19.86 -6.23 2.03
N ILE C 444 19.77 -7.16 1.08
CA ILE C 444 18.48 -7.60 0.46
C ILE C 444 18.24 -9.10 0.41
N LYS C 445 17.00 -9.53 0.61
CA LYS C 445 16.70 -10.95 0.52
C LYS C 445 15.86 -11.32 -0.70
N LEU C 446 16.23 -12.42 -1.34
CA LEU C 446 15.44 -12.99 -2.42
C LEU C 446 14.97 -14.40 -2.09
N THR C 447 13.66 -14.59 -2.09
CA THR C 447 13.09 -15.89 -1.74
C THR C 447 12.61 -16.59 -2.97
N PHE C 448 13.01 -17.82 -3.15
CA PHE C 448 12.57 -18.57 -4.31
C PHE C 448 11.70 -19.71 -3.92
N MET C 449 10.46 -19.72 -4.41
CA MET C 449 9.51 -20.76 -4.06
C MET C 449 9.22 -21.69 -5.21
N PHE C 450 9.50 -22.96 -5.02
CA PHE C 450 9.28 -23.91 -6.09
C PHE C 450 7.79 -24.19 -6.16
N CYS C 451 7.19 -24.13 -7.37
CA CYS C 451 5.76 -24.40 -7.50
C CYS C 451 5.47 -25.54 -8.44
N GLY C 452 6.35 -26.53 -8.48
CA GLY C 452 6.16 -27.68 -9.34
C GLY C 452 5.46 -28.76 -8.55
N SER C 453 5.31 -29.92 -9.13
CA SER C 453 4.62 -31.01 -8.43
C SER C 453 5.45 -31.51 -7.26
N ALA C 454 4.81 -32.24 -6.35
CA ALA C 454 5.51 -32.76 -5.17
C ALA C 454 6.41 -33.90 -5.50
N MET C 455 6.20 -34.48 -6.66
CA MET C 455 6.98 -35.61 -7.08
C MET C 455 8.22 -35.15 -7.82
N ALA C 456 8.37 -33.83 -8.00
CA ALA C 456 9.49 -33.29 -8.73
C ALA C 456 10.59 -32.83 -7.79
N THR C 457 11.83 -33.15 -8.15
CA THR C 457 12.98 -32.69 -7.37
C THR C 457 14.06 -32.09 -8.26
N GLY C 458 15.03 -31.39 -7.65
CA GLY C 458 16.13 -30.76 -8.38
C GLY C 458 16.93 -29.81 -7.48
N LYS C 459 18.05 -29.30 -8.00
CA LYS C 459 18.90 -28.39 -7.26
C LYS C 459 19.31 -27.20 -8.10
N PHE C 460 19.41 -26.05 -7.47
CA PHE C 460 19.80 -24.81 -8.16
C PHE C 460 20.91 -24.01 -7.50
N LEU C 461 21.67 -23.30 -8.31
CA LEU C 461 22.66 -22.37 -7.82
C LEU C 461 22.18 -20.94 -7.86
N LEU C 462 22.10 -20.33 -6.70
CA LEU C 462 21.70 -18.94 -6.58
C LEU C 462 22.95 -18.16 -6.28
N ALA C 463 23.34 -17.20 -7.12
CA ALA C 463 24.61 -16.54 -6.84
C ALA C 463 24.69 -15.05 -7.17
N TYR C 464 25.50 -14.34 -6.39
CA TYR C 464 25.77 -12.93 -6.57
C TYR C 464 27.22 -12.66 -6.88
N SER C 465 27.42 -11.92 -7.95
CA SER C 465 28.75 -11.57 -8.40
C SER C 465 29.01 -10.07 -8.34
N PRO C 466 29.80 -9.58 -7.38
CA PRO C 466 30.12 -8.18 -7.20
C PRO C 466 30.77 -7.67 -8.48
N PRO C 467 30.75 -6.36 -8.74
CA PRO C 467 31.30 -5.67 -9.89
C PRO C 467 32.81 -5.82 -10.00
N GLY C 468 33.34 -5.57 -11.19
CA GLY C 468 34.78 -5.66 -11.45
C GLY C 468 35.05 -6.73 -12.48
N ALA C 469 33.98 -7.37 -12.86
CA ALA C 469 33.91 -8.39 -13.86
C ALA C 469 32.49 -8.31 -14.37
N GLY C 470 32.21 -8.82 -15.54
CA GLY C 470 30.84 -8.75 -16.02
C GLY C 470 30.05 -9.89 -15.44
N ALA C 471 28.82 -10.05 -15.90
CA ALA C 471 28.03 -11.11 -15.35
C ALA C 471 28.69 -12.42 -15.78
N PRO C 472 28.60 -13.50 -14.99
CA PRO C 472 29.08 -14.82 -15.30
C PRO C 472 28.46 -15.35 -16.57
N THR C 473 29.24 -16.08 -17.36
CA THR C 473 28.76 -16.61 -18.61
C THR C 473 28.54 -18.12 -18.56
N THR C 474 28.86 -18.70 -17.43
CA THR C 474 28.77 -20.12 -17.17
C THR C 474 28.66 -20.37 -15.69
N ARG C 475 28.10 -21.51 -15.32
CA ARG C 475 27.97 -21.84 -13.91
C ARG C 475 29.32 -21.81 -13.22
N LYS C 476 30.34 -22.27 -13.91
CA LYS C 476 31.70 -22.31 -13.38
C LYS C 476 32.16 -20.94 -12.90
N GLU C 477 31.73 -19.90 -13.55
CA GLU C 477 32.15 -18.59 -13.17
C GLU C 477 31.23 -18.04 -12.09
N ALA C 478 29.95 -18.36 -12.21
CA ALA C 478 28.98 -17.85 -11.27
C ALA C 478 29.24 -18.31 -9.87
N MET C 479 29.70 -19.53 -9.75
CA MET C 479 29.96 -20.17 -8.48
C MET C 479 31.10 -19.54 -7.73
N LEU C 480 31.87 -18.67 -8.36
CA LEU C 480 33.01 -18.07 -7.70
C LEU C 480 32.62 -16.88 -6.86
N GLY C 481 31.34 -16.50 -6.90
CA GLY C 481 30.85 -15.37 -6.11
C GLY C 481 30.17 -15.86 -4.84
N THR C 482 29.24 -15.07 -4.34
CA THR C 482 28.58 -15.44 -3.10
C THR C 482 27.42 -16.30 -3.48
N HIS C 483 27.29 -17.46 -2.89
CA HIS C 483 26.21 -18.28 -3.36
C HIS C 483 25.62 -19.28 -2.41
N VAL C 484 24.43 -19.71 -2.77
CA VAL C 484 23.70 -20.73 -2.06
C VAL C 484 23.25 -21.88 -2.97
N ILE C 485 23.48 -23.10 -2.53
CA ILE C 485 22.96 -24.22 -3.29
C ILE C 485 21.62 -24.53 -2.69
N TRP C 486 20.60 -24.45 -3.53
CA TRP C 486 19.23 -24.65 -3.17
C TRP C 486 18.74 -26.02 -3.52
N ASP C 487 18.46 -26.77 -2.48
CA ASP C 487 17.97 -28.11 -2.61
C ASP C 487 16.45 -28.13 -2.56
N VAL C 488 15.79 -28.47 -3.65
CA VAL C 488 14.35 -28.48 -3.63
C VAL C 488 13.91 -29.81 -3.05
N GLY C 489 13.18 -29.75 -1.95
CA GLY C 489 12.74 -30.92 -1.21
C GLY C 489 11.43 -30.63 -0.52
N LEU C 490 11.33 -30.99 0.76
CA LEU C 490 10.12 -30.72 1.51
C LEU C 490 9.89 -29.24 1.71
N GLN C 491 10.94 -28.51 2.06
CA GLN C 491 10.78 -27.09 2.26
C GLN C 491 10.72 -26.55 0.85
N SER C 492 9.74 -25.74 0.56
CA SER C 492 9.58 -25.20 -0.77
C SER C 492 10.34 -23.94 -1.04
N SER C 493 10.76 -23.22 0.01
CA SER C 493 11.40 -21.95 -0.24
C SER C 493 12.85 -21.88 0.20
N CYS C 494 13.64 -21.17 -0.57
CA CYS C 494 15.02 -20.92 -0.23
C CYS C 494 15.39 -19.48 -0.35
N VAL C 495 16.18 -19.00 0.59
CA VAL C 495 16.53 -17.60 0.54
C VAL C 495 17.97 -17.27 0.28
N LEU C 496 18.18 -16.41 -0.70
CA LEU C 496 19.50 -15.93 -1.05
C LEU C 496 19.64 -14.55 -0.44
N CYS C 497 20.61 -14.40 0.42
CA CYS C 497 20.81 -13.10 1.03
C CYS C 497 21.91 -12.38 0.30
N ILE C 498 21.65 -11.17 -0.12
CA ILE C 498 22.65 -10.39 -0.81
C ILE C 498 23.28 -9.47 0.22
N PRO C 499 24.56 -9.62 0.52
CA PRO C 499 25.29 -8.90 1.54
C PRO C 499 25.53 -7.49 1.09
N TRP C 500 25.80 -6.58 2.00
CA TRP C 500 26.14 -5.26 1.52
C TRP C 500 27.60 -5.19 1.18
N ILE C 501 27.86 -4.96 -0.10
CA ILE C 501 29.21 -4.81 -0.56
C ILE C 501 29.23 -3.57 -1.39
N SER C 502 29.96 -2.58 -0.95
CA SER C 502 30.09 -1.32 -1.63
C SER C 502 31.29 -0.60 -1.13
N GLN C 503 31.86 0.24 -1.96
CA GLN C 503 32.94 1.09 -1.50
C GLN C 503 32.35 2.26 -0.71
N THR C 504 31.04 2.42 -0.82
CA THR C 504 30.32 3.52 -0.22
C THR C 504 29.44 3.11 0.93
N HIS C 505 28.94 4.10 1.65
CA HIS C 505 27.98 3.75 2.68
C HIS C 505 26.62 3.67 2.02
N TYR C 506 26.43 4.51 1.00
CA TYR C 506 25.17 4.54 0.26
C TYR C 506 25.36 4.40 -1.24
N ARG C 507 24.40 3.81 -1.88
CA ARG C 507 24.38 3.66 -3.32
C ARG C 507 23.34 4.54 -3.92
N TYR C 508 23.46 4.83 -5.19
CA TYR C 508 22.40 5.61 -5.78
C TYR C 508 21.20 4.72 -6.07
N VAL C 509 20.00 5.29 -5.93
CA VAL C 509 18.78 4.61 -6.32
C VAL C 509 18.74 4.48 -7.83
N VAL C 510 19.14 5.54 -8.51
CA VAL C 510 19.17 5.59 -9.96
C VAL C 510 20.31 4.76 -10.49
N MET C 511 20.26 4.44 -11.77
CA MET C 511 21.39 3.74 -12.33
C MET C 511 22.57 4.68 -12.31
N ASP C 512 23.72 4.16 -11.90
CA ASP C 512 24.94 4.93 -11.82
C ASP C 512 26.15 4.02 -12.03
N GLU C 513 27.10 4.48 -12.82
CA GLU C 513 28.32 3.75 -13.10
C GLU C 513 29.26 3.59 -11.91
N TYR C 514 29.33 4.61 -11.05
CA TYR C 514 30.22 4.55 -9.92
C TYR C 514 29.71 3.55 -8.92
N THR C 515 28.44 3.66 -8.57
CA THR C 515 27.89 2.72 -7.59
C THR C 515 27.29 1.53 -8.31
N ALA C 516 28.15 0.81 -9.02
CA ALA C 516 27.74 -0.33 -9.83
C ALA C 516 27.17 -1.41 -8.93
N GLY C 517 26.06 -2.02 -9.33
CA GLY C 517 25.41 -3.04 -8.50
C GLY C 517 26.00 -4.44 -8.44
N GLY C 518 26.59 -4.92 -9.52
CA GLY C 518 27.02 -6.31 -9.60
C GLY C 518 25.87 -7.11 -10.17
N TYR C 519 25.99 -8.44 -10.23
CA TYR C 519 24.97 -9.22 -10.89
C TYR C 519 24.41 -10.36 -10.08
N ILE C 520 23.13 -10.65 -10.29
CA ILE C 520 22.52 -11.81 -9.67
C ILE C 520 22.09 -12.79 -10.71
N THR C 521 22.54 -14.01 -10.59
CA THR C 521 22.18 -15.02 -11.56
C THR C 521 21.77 -16.31 -10.90
N CYS C 522 21.17 -17.16 -11.70
CA CYS C 522 20.85 -18.50 -11.28
C CYS C 522 21.11 -19.48 -12.36
N TRP C 523 21.70 -20.59 -11.96
CA TRP C 523 22.13 -21.66 -12.82
C TRP C 523 21.61 -22.98 -12.31
N TYR C 524 21.41 -23.94 -13.17
CA TYR C 524 20.99 -25.24 -12.68
C TYR C 524 22.18 -25.93 -12.02
N GLN C 525 21.95 -26.63 -10.92
CA GLN C 525 23.02 -27.38 -10.31
C GLN C 525 22.94 -28.78 -10.84
N THR C 526 21.71 -29.28 -10.83
CA THR C 526 21.33 -30.60 -11.29
C THR C 526 20.10 -30.46 -12.15
N ASN C 527 19.66 -31.55 -12.74
CA ASN C 527 18.47 -31.51 -13.54
C ASN C 527 17.23 -31.61 -12.70
N ILE C 528 16.13 -31.15 -13.27
CA ILE C 528 14.84 -31.35 -12.65
C ILE C 528 14.42 -32.72 -13.06
N VAL C 529 14.20 -33.55 -12.10
CA VAL C 529 13.89 -34.93 -12.36
C VAL C 529 12.51 -35.28 -11.87
N VAL C 530 11.72 -35.81 -12.79
CA VAL C 530 10.37 -36.22 -12.49
C VAL C 530 10.17 -37.65 -12.95
N PRO C 531 9.19 -38.37 -12.40
CA PRO C 531 8.77 -39.69 -12.78
C PRO C 531 7.95 -39.66 -14.02
N ALA C 532 7.59 -40.81 -14.52
CA ALA C 532 6.74 -40.87 -15.67
C ALA C 532 5.40 -40.25 -15.34
N ASP C 533 4.76 -39.71 -16.36
CA ASP C 533 3.44 -39.09 -16.25
C ASP C 533 3.38 -37.95 -15.24
N THR C 534 4.43 -37.15 -15.27
CA THR C 534 4.58 -35.94 -14.48
C THR C 534 5.07 -34.87 -15.40
N GLN C 535 4.59 -33.66 -15.23
CA GLN C 535 5.07 -32.64 -16.13
C GLN C 535 6.39 -32.13 -15.62
N SER C 536 7.38 -32.08 -16.52
CA SER C 536 8.69 -31.60 -16.14
C SER C 536 8.74 -30.09 -16.17
N ASP C 537 7.89 -29.51 -16.99
CA ASP C 537 7.80 -28.07 -17.09
C ASP C 537 7.16 -27.54 -15.83
N CYS C 538 7.82 -26.62 -15.16
CA CYS C 538 7.29 -26.06 -13.93
C CYS C 538 7.77 -24.66 -13.71
N LYS C 539 7.17 -23.96 -12.75
CA LYS C 539 7.55 -22.57 -12.51
C LYS C 539 8.06 -22.33 -11.10
N ILE C 540 8.89 -21.31 -10.96
CA ILE C 540 9.37 -20.83 -9.68
C ILE C 540 9.01 -19.36 -9.47
N LEU C 541 8.54 -19.01 -8.28
CA LEU C 541 8.23 -17.61 -8.01
C LEU C 541 9.33 -16.99 -7.16
N CYS C 542 9.68 -15.73 -7.44
CA CYS C 542 10.71 -15.03 -6.67
C CYS C 542 10.15 -13.84 -5.92
N PHE C 543 10.47 -13.74 -4.64
CA PHE C 543 9.97 -12.65 -3.83
C PHE C 543 11.09 -11.80 -3.25
N VAL C 544 10.89 -10.50 -3.15
CA VAL C 544 11.95 -9.63 -2.63
C VAL C 544 11.58 -8.72 -1.49
N SER C 545 12.49 -8.61 -0.53
CA SER C 545 12.32 -7.70 0.61
C SER C 545 13.64 -7.21 1.21
N ALA C 546 13.56 -6.12 1.95
CA ALA C 546 14.71 -5.55 2.66
C ALA C 546 15.09 -6.34 3.91
N CYS C 547 16.38 -6.32 4.24
CA CYS C 547 16.86 -6.90 5.49
C CYS C 547 16.70 -5.92 6.62
N ASN C 548 16.90 -6.39 7.84
CA ASN C 548 16.80 -5.51 9.00
C ASN C 548 17.80 -4.35 8.93
N ASP C 549 18.93 -4.58 8.30
CA ASP C 549 19.90 -3.53 8.10
C ASP C 549 19.61 -2.84 6.77
N PHE C 550 18.76 -1.82 6.79
CA PHE C 550 18.40 -1.13 5.56
C PHE C 550 17.90 0.30 5.82
N SER C 551 18.36 1.25 5.02
CA SER C 551 17.88 2.63 5.11
C SER C 551 18.02 3.42 3.80
N VAL C 552 17.51 4.65 3.86
CA VAL C 552 17.49 5.62 2.76
C VAL C 552 17.96 7.00 3.20
N ARG C 553 18.31 7.91 2.28
CA ARG C 553 18.79 9.23 2.77
C ARG C 553 17.92 10.46 2.56
N MET C 554 17.40 10.69 1.39
CA MET C 554 16.63 11.89 1.21
C MET C 554 15.53 11.65 0.26
N LEU C 555 14.45 12.34 0.48
CA LEU C 555 13.27 12.26 -0.32
C LEU C 555 13.32 12.99 -1.65
N LYS C 556 12.71 12.38 -2.65
CA LYS C 556 12.57 12.92 -4.00
C LYS C 556 11.18 12.63 -4.51
N ASP C 557 10.73 13.33 -5.55
CA ASP C 557 9.45 12.91 -6.09
C ASP C 557 9.73 11.66 -6.90
N THR C 558 8.70 11.04 -7.45
CA THR C 558 8.87 9.82 -8.22
C THR C 558 8.47 10.03 -9.66
N PRO C 559 9.20 9.46 -10.64
CA PRO C 559 8.94 9.54 -12.06
C PRO C 559 7.91 8.54 -12.55
N PHE C 560 7.26 7.81 -11.64
CA PHE C 560 6.32 6.79 -12.06
C PHE C 560 4.89 7.29 -12.27
N ILE C 561 4.66 8.56 -11.97
CA ILE C 561 3.34 9.12 -12.12
C ILE C 561 3.34 10.45 -12.88
N LYS C 562 2.36 10.64 -13.77
CA LYS C 562 2.21 11.87 -14.52
C LYS C 562 0.77 12.26 -14.87
N GLN C 563 0.53 13.56 -15.05
CA GLN C 563 -0.77 14.03 -15.49
C GLN C 563 -0.59 15.22 -16.41
N ASP C 564 -1.55 15.46 -17.29
CA ASP C 564 -1.50 16.64 -18.16
C ASP C 564 -2.22 17.85 -17.57
N SER C 565 -3.27 17.59 -16.81
CA SER C 565 -4.13 18.60 -16.23
C SER C 565 -4.79 17.99 -15.01
N PHE C 566 -5.53 18.79 -14.25
CA PHE C 566 -6.19 18.31 -13.05
C PHE C 566 -7.18 17.21 -13.33
N PHE C 567 -7.24 16.23 -12.44
CA PHE C 567 -8.17 15.13 -12.62
C PHE C 567 -9.54 15.61 -12.23
N GLN C 568 -10.61 15.11 -12.89
CA GLN C 568 -12.01 15.50 -12.60
C GLN C 568 -12.95 14.29 -12.52
N GLY D 2 8.63 28.95 29.58
CA GLY D 2 8.17 27.57 29.68
C GLY D 2 8.47 26.71 28.43
N ALA D 3 9.63 26.94 27.77
CA ALA D 3 10.11 26.19 26.59
C ALA D 3 10.68 24.85 27.00
N GLN D 4 10.61 23.91 26.08
CA GLN D 4 11.25 22.65 26.34
C GLN D 4 12.57 22.60 25.62
N VAL D 5 13.47 21.79 26.13
CA VAL D 5 14.76 21.68 25.50
C VAL D 5 15.01 20.27 25.04
N SER D 6 15.39 20.13 23.79
CA SER D 6 15.67 18.81 23.25
C SER D 6 16.83 18.85 22.31
N THR D 7 17.13 17.72 21.69
CA THR D 7 18.30 17.68 20.83
C THR D 7 18.06 17.79 19.36
N GLN D 8 19.11 18.20 18.68
CA GLN D 8 19.10 18.31 17.26
C GLN D 8 19.53 17.02 16.67
N LYS D 9 19.11 16.73 15.47
CA LYS D 9 19.65 15.54 14.85
C LYS D 9 21.06 15.86 14.43
N THR D 10 21.98 14.94 14.72
CA THR D 10 23.37 15.10 14.35
C THR D 10 23.84 13.88 13.61
N GLY D 11 25.00 13.97 12.97
CA GLY D 11 25.56 12.80 12.32
C GLY D 11 26.10 11.90 13.40
N ALA D 12 26.09 10.60 13.14
CA ALA D 12 26.60 9.63 14.09
C ALA D 12 28.10 9.48 13.96
N HIS D 13 28.72 9.04 15.04
CA HIS D 13 30.14 8.72 14.99
C HIS D 13 31.05 9.82 14.44
N GLU D 14 30.97 11.05 15.00
CA GLU D 14 31.78 12.21 14.61
C GLU D 14 33.30 11.89 14.66
N ILE D 25 23.90 18.21 20.71
CA ILE D 25 23.63 19.64 20.63
C ILE D 25 22.13 19.81 20.90
N HIS D 26 21.77 20.81 21.73
CA HIS D 26 20.40 21.15 22.12
C HIS D 26 19.86 22.36 21.41
N TYR D 27 18.53 22.44 21.35
CA TYR D 27 17.80 23.58 20.79
C TYR D 27 16.56 23.75 21.65
N THR D 28 15.93 24.93 21.58
CA THR D 28 14.75 25.12 22.42
C THR D 28 13.47 25.19 21.62
N ASN D 29 12.35 24.87 22.28
CA ASN D 29 11.08 24.94 21.60
C ASN D 29 9.91 25.41 22.46
N MET D 30 9.43 26.61 22.19
CA MET D 30 8.32 27.19 22.92
C MET D 30 7.09 27.17 22.02
N ASN D 31 5.93 26.87 22.58
CA ASN D 31 4.69 26.91 21.81
C ASN D 31 4.04 28.27 21.99
N TYR D 32 3.60 28.86 20.88
CA TYR D 32 3.01 30.19 20.93
C TYR D 32 1.50 30.22 20.75
N TYR D 33 0.88 29.06 20.68
CA TYR D 33 -0.55 28.99 20.43
C TYR D 33 -1.29 28.11 21.41
N LYS D 34 -2.58 28.38 21.56
CA LYS D 34 -3.46 27.68 22.49
C LYS D 34 -4.06 26.37 21.96
N ASP D 35 -3.81 26.10 20.69
CA ASP D 35 -4.32 24.95 19.98
C ASP D 35 -3.21 24.01 19.57
N SER D 36 -3.29 22.73 19.92
CA SER D 36 -2.17 21.85 19.56
C SER D 36 -1.95 21.69 18.07
N ALA D 37 -2.95 22.02 17.27
CA ALA D 37 -2.87 21.94 15.82
C ALA D 37 -1.88 22.97 15.28
N SER D 38 -1.53 23.94 16.09
CA SER D 38 -0.62 24.99 15.70
C SER D 38 0.83 24.60 15.89
N ASN D 39 1.09 23.47 16.52
CA ASN D 39 2.45 23.06 16.78
C ASN D 39 3.09 22.56 15.48
N SER D 40 4.43 22.68 15.38
CA SER D 40 5.17 22.21 14.23
C SER D 40 5.21 20.69 14.22
N ALA D 41 5.60 20.10 13.10
CA ALA D 41 5.57 18.65 12.94
C ALA D 41 6.38 17.88 13.97
N ASN D 42 5.83 16.75 14.36
CA ASN D 42 6.43 15.84 15.31
C ASN D 42 7.42 14.92 14.64
N ARG D 43 8.49 15.50 14.17
CA ARG D 43 9.53 14.75 13.52
C ARG D 43 10.42 14.18 14.61
N GLN D 44 10.72 12.90 14.54
CA GLN D 44 11.56 12.25 15.52
C GLN D 44 11.89 10.84 15.04
N GLU D 45 12.78 10.16 15.75
CA GLU D 45 13.12 8.78 15.44
C GLU D 45 12.00 7.75 15.73
N PHE D 46 11.10 8.07 16.65
CA PHE D 46 10.02 7.19 17.05
C PHE D 46 10.53 5.78 17.40
N ALA D 47 9.89 4.77 16.80
CA ALA D 47 10.19 3.37 16.99
C ALA D 47 9.59 2.60 15.83
N GLN D 48 10.05 1.38 15.61
CA GLN D 48 9.44 0.57 14.57
C GLN D 48 9.02 -0.79 15.14
N ASP D 49 8.00 -1.40 14.52
CA ASP D 49 7.52 -2.72 14.91
C ASP D 49 6.96 -3.46 13.70
N PRO D 50 7.81 -3.87 12.75
CA PRO D 50 7.49 -4.44 11.47
C PRO D 50 6.88 -5.79 11.59
N GLY D 51 7.00 -6.42 12.75
CA GLY D 51 6.49 -7.76 12.93
C GLY D 51 5.02 -7.86 12.63
N LYS D 52 4.24 -6.81 12.84
CA LYS D 52 2.82 -6.96 12.54
C LYS D 52 2.57 -7.18 11.05
N PHE D 53 3.52 -6.81 10.19
CA PHE D 53 3.35 -6.96 8.77
C PHE D 53 4.25 -8.07 8.22
N THR D 54 5.39 -8.33 8.86
CA THR D 54 6.30 -9.32 8.34
C THR D 54 6.16 -10.68 8.98
N GLU D 55 5.58 -10.75 10.18
CA GLU D 55 5.40 -12.02 10.85
C GLU D 55 4.04 -12.15 11.51
N PRO D 56 2.92 -11.99 10.79
CA PRO D 56 1.58 -12.03 11.34
C PRO D 56 1.16 -13.46 11.54
N VAL D 57 1.89 -14.22 12.33
CA VAL D 57 1.61 -15.63 12.44
C VAL D 57 1.39 -16.08 13.87
N LYS D 58 0.30 -16.81 14.09
CA LYS D 58 -0.09 -17.32 15.41
C LYS D 58 0.96 -18.20 16.07
N ASP D 59 1.46 -19.15 15.31
CA ASP D 59 2.47 -20.11 15.74
C ASP D 59 3.83 -19.60 15.33
N ILE D 60 4.65 -19.32 16.32
CA ILE D 60 5.95 -18.69 16.11
C ILE D 60 6.96 -19.55 15.40
N MET D 61 7.55 -18.95 14.39
CA MET D 61 8.58 -19.58 13.59
C MET D 61 9.93 -19.26 14.19
N ILE D 62 10.84 -20.21 14.16
CA ILE D 62 12.18 -19.97 14.64
C ILE D 62 13.08 -19.83 13.43
N LYS D 63 13.86 -18.75 13.39
CA LYS D 63 14.70 -18.48 12.23
C LYS D 63 15.60 -19.62 11.78
N SER D 64 16.17 -20.34 12.72
CA SER D 64 17.09 -21.43 12.42
C SER D 64 16.44 -22.77 12.10
N MET D 65 15.13 -22.87 12.29
CA MET D 65 14.44 -24.14 12.16
C MET D 65 13.68 -24.26 10.85
N PRO D 66 13.37 -25.48 10.39
CA PRO D 66 12.52 -25.75 9.26
C PRO D 66 11.18 -25.09 9.52
N ALA D 67 10.53 -24.59 8.48
CA ALA D 67 9.23 -23.95 8.67
C ALA D 67 8.15 -24.98 8.86
N LEU D 68 8.33 -26.12 8.23
CA LEU D 68 7.34 -27.16 8.31
C LEU D 68 7.79 -28.25 9.29
N ASN D 69 6.82 -28.78 10.06
CA ASN D 69 6.89 -29.86 11.05
C ASN D 69 7.30 -29.38 12.45
#